data_5UCJ
#
_entry.id   5UCJ
#
_cell.length_a   129.464
_cell.length_b   129.464
_cell.length_c   106.357
_cell.angle_alpha   90.00
_cell.angle_beta   90.00
_cell.angle_gamma   120.00
#
_symmetry.space_group_name_H-M   'P 65'
#
loop_
_entity.id
_entity.type
_entity.pdbx_description
1 polymer 'Heat shock protein HSP 90-beta'
2 non-polymer (5-fluoroisoindolin-2-yl)(4-hydroxy-5-isopropylbenzo[d]isoxazol-7-yl)methanone
3 non-polymer 'DIMETHYL SULFOXIDE'
4 water water
#
_entity_poly.entity_id   1
_entity_poly.type   'polypeptide(L)'
_entity_poly.pdbx_seq_one_letter_code
;GHMPEEVHHGEEEVETFAFQAEIAQLMSLIINTFYSNKEIFLRELISNASDALDKIRYESLTDPSKLDSGKELKIDIIPN
PQERTLTLVDTGIGMTKADLINNLGTIAKSGTKAFMEALQAGADISMIGQFGVGFYSAYLVAEKVVVITKHNDDEQYAWE
SSAGGSFTVRADHGEPIGRGTKVILHLKEDQTEYLEERRVKEVVKKHSQFIGYPITLYLE
;
_entity_poly.pdbx_strand_id   A,B,C,D
#
loop_
_chem_comp.id
_chem_comp.type
_chem_comp.name
_chem_comp.formula
DMS non-polymer 'DIMETHYL SULFOXIDE' 'C2 H6 O S'
KU3 non-polymer (5-fluoroisoindolin-2-yl)(4-hydroxy-5-isopropylbenzo[d]isoxazol-7-yl)methanone 'C19 H17 F N2 O3'
#
# COMPACT_ATOMS: atom_id res chain seq x y z
N HIS A 2 -22.42 -22.18 -48.47
CA HIS A 2 -21.73 -23.01 -47.48
C HIS A 2 -21.07 -22.14 -46.42
N MET A 3 -21.83 -21.79 -45.39
CA MET A 3 -21.32 -20.96 -44.30
C MET A 3 -21.43 -21.65 -42.94
N PRO A 4 -20.72 -22.77 -42.76
CA PRO A 4 -20.78 -23.46 -41.46
C PRO A 4 -20.49 -22.61 -40.23
N GLU A 5 -20.91 -23.05 -39.09
CA GLU A 5 -20.67 -22.31 -37.85
C GLU A 5 -20.11 -23.26 -36.80
N GLU A 6 -18.90 -22.98 -36.32
CA GLU A 6 -18.38 -23.75 -35.20
C GLU A 6 -18.96 -23.18 -33.92
N VAL A 7 -19.97 -23.89 -33.39
CA VAL A 7 -20.70 -23.43 -32.21
C VAL A 7 -20.01 -23.82 -30.92
N HIS A 8 -19.11 -24.79 -30.97
CA HIS A 8 -18.40 -25.28 -29.78
C HIS A 8 -16.96 -25.54 -30.15
N HIS A 9 -16.03 -24.82 -29.53
CA HIS A 9 -14.62 -25.04 -29.82
C HIS A 9 -14.01 -26.16 -28.99
N GLY A 10 -14.62 -26.50 -27.86
CA GLY A 10 -14.09 -27.55 -27.03
C GLY A 10 -13.45 -26.98 -25.79
N GLU A 11 -12.14 -26.77 -25.84
CA GLU A 11 -11.45 -26.17 -24.71
C GLU A 11 -11.68 -24.66 -24.72
N GLU A 12 -11.77 -24.09 -23.51
CA GLU A 12 -11.78 -22.66 -23.36
C GLU A 12 -10.37 -22.11 -23.59
N GLU A 13 -10.22 -21.25 -24.60
CA GLU A 13 -8.89 -20.83 -25.03
C GLU A 13 -8.22 -19.92 -24.01
N VAL A 14 -8.96 -18.92 -23.52
CA VAL A 14 -8.48 -17.93 -22.56
C VAL A 14 -9.29 -18.09 -21.29
N GLU A 15 -8.61 -18.29 -20.16
CA GLU A 15 -9.29 -18.46 -18.89
C GLU A 15 -8.98 -17.27 -17.98
N THR A 16 -9.99 -16.74 -17.32
CA THR A 16 -9.88 -15.58 -16.43
C THR A 16 -10.15 -16.05 -15.01
N PHE A 17 -9.29 -15.65 -14.07
CA PHE A 17 -9.45 -16.01 -12.66
C PHE A 17 -9.20 -14.79 -11.79
N ALA A 18 -9.82 -14.78 -10.61
CA ALA A 18 -9.54 -13.74 -9.62
C ALA A 18 -8.34 -14.14 -8.78
N PHE A 19 -7.51 -13.16 -8.41
CA PHE A 19 -6.53 -13.37 -7.37
C PHE A 19 -7.20 -13.64 -6.02
N GLN A 20 -6.50 -14.35 -5.13
CA GLN A 20 -6.85 -14.29 -3.73
C GLN A 20 -6.87 -12.82 -3.31
N ALA A 21 -7.80 -12.46 -2.41
CA ALA A 21 -7.97 -11.05 -2.02
C ALA A 21 -6.67 -10.47 -1.52
N GLU A 22 -5.92 -11.24 -0.75
CA GLU A 22 -4.66 -10.75 -0.19
C GLU A 22 -3.71 -10.29 -1.28
N ILE A 23 -3.62 -11.09 -2.36
CA ILE A 23 -2.75 -10.75 -3.48
C ILE A 23 -3.28 -9.52 -4.21
N ALA A 24 -4.59 -9.51 -4.51
CA ALA A 24 -5.14 -8.36 -5.21
C ALA A 24 -4.92 -7.08 -4.43
N GLN A 25 -5.06 -7.13 -3.10
CA GLN A 25 -4.90 -5.91 -2.33
C GLN A 25 -3.45 -5.44 -2.31
N LEU A 26 -2.49 -6.38 -2.23
CA LEU A 26 -1.08 -5.96 -2.36
C LEU A 26 -0.83 -5.37 -3.74
N MET A 27 -1.39 -5.97 -4.80
CA MET A 27 -1.14 -5.43 -6.14
C MET A 27 -1.67 -4.00 -6.26
N SER A 28 -2.86 -3.73 -5.69
CA SER A 28 -3.40 -2.37 -5.74
C SER A 28 -2.51 -1.41 -4.96
N LEU A 29 -2.01 -1.85 -3.81
CA LEU A 29 -1.09 -1.00 -3.06
C LEU A 29 0.14 -0.67 -3.90
N ILE A 30 0.75 -1.70 -4.52
CA ILE A 30 2.01 -1.50 -5.23
C ILE A 30 1.82 -0.66 -6.49
N ILE A 31 0.73 -0.89 -7.23
CA ILE A 31 0.61 -0.18 -8.51
C ILE A 31 0.35 1.31 -8.28
N ASN A 32 -0.19 1.66 -7.12
CA ASN A 32 -0.56 3.05 -6.84
C ASN A 32 0.36 3.76 -5.88
N THR A 33 1.36 3.07 -5.30
CA THR A 33 2.13 3.71 -4.24
C THR A 33 3.07 4.77 -4.81
N PHE A 34 3.36 5.78 -3.98
CA PHE A 34 4.33 6.81 -4.32
C PHE A 34 5.72 6.49 -3.80
N TYR A 35 5.95 5.27 -3.33
CA TYR A 35 7.28 4.81 -2.96
C TYR A 35 8.32 5.24 -3.99
N SER A 36 9.42 5.83 -3.51
CA SER A 36 10.32 6.56 -4.38
C SER A 36 11.58 5.79 -4.75
N ASN A 37 11.65 4.51 -4.43
CA ASN A 37 12.80 3.69 -4.81
C ASN A 37 12.31 2.56 -5.72
N LYS A 38 11.67 2.91 -6.85
CA LYS A 38 10.97 1.90 -7.63
C LYS A 38 11.91 0.96 -8.37
N GLU A 39 13.18 1.34 -8.53
CA GLU A 39 14.12 0.51 -9.28
C GLU A 39 14.31 -0.87 -8.66
N ILE A 40 13.88 -1.07 -7.41
CA ILE A 40 14.03 -2.38 -6.78
C ILE A 40 13.25 -3.45 -7.52
N PHE A 41 12.32 -3.08 -8.43
CA PHE A 41 11.59 -4.09 -9.20
C PHE A 41 12.54 -4.98 -9.99
N LEU A 42 13.62 -4.39 -10.51
CA LEU A 42 14.52 -5.15 -11.36
C LEU A 42 15.32 -6.18 -10.56
N ARG A 43 15.79 -5.79 -9.36
CA ARG A 43 16.45 -6.74 -8.46
C ARG A 43 15.54 -7.93 -8.14
N GLU A 44 14.24 -7.67 -7.93
CA GLU A 44 13.34 -8.75 -7.57
C GLU A 44 13.11 -9.71 -8.73
N LEU A 45 13.03 -9.19 -9.97
CA LEU A 45 12.86 -10.07 -11.12
C LEU A 45 14.12 -10.86 -11.39
N ILE A 46 15.28 -10.20 -11.28
CA ILE A 46 16.56 -10.90 -11.48
C ILE A 46 16.73 -11.97 -10.41
N SER A 47 16.25 -11.70 -9.19
CA SER A 47 16.35 -12.69 -8.12
C SER A 47 15.49 -13.91 -8.43
N ASN A 48 14.27 -13.70 -8.93
CA ASN A 48 13.44 -14.82 -9.34
C ASN A 48 14.08 -15.61 -10.48
N ALA A 49 14.66 -14.90 -11.47
CA ALA A 49 15.35 -15.58 -12.57
C ALA A 49 16.51 -16.41 -12.05
N SER A 50 17.32 -15.83 -11.17
CA SER A 50 18.45 -16.55 -10.59
C SER A 50 17.99 -17.82 -9.86
N ASP A 51 16.89 -17.72 -9.10
CA ASP A 51 16.38 -18.91 -8.41
C ASP A 51 15.93 -19.98 -9.42
N ALA A 52 15.28 -19.56 -10.52
CA ALA A 52 14.81 -20.52 -11.50
C ALA A 52 15.97 -21.14 -12.26
N LEU A 53 17.03 -20.36 -12.49
CA LEU A 53 18.23 -20.88 -13.13
C LEU A 53 18.99 -21.84 -12.21
N ASP A 54 19.08 -21.52 -10.90
CA ASP A 54 19.63 -22.48 -9.95
C ASP A 54 18.88 -23.80 -10.04
N LYS A 55 17.56 -23.74 -10.17
CA LYS A 55 16.75 -24.95 -10.13
C LYS A 55 17.05 -25.86 -11.31
N ILE A 56 17.04 -25.32 -12.53
CA ILE A 56 17.33 -26.18 -13.69
C ILE A 56 18.79 -26.61 -13.69
N ARG A 57 19.70 -25.78 -13.17
CA ARG A 57 21.10 -26.18 -13.09
C ARG A 57 21.26 -27.43 -12.25
N TYR A 58 20.55 -27.49 -11.11
CA TYR A 58 20.72 -28.64 -10.21
C TYR A 58 20.04 -29.89 -10.79
N GLU A 59 18.83 -29.74 -11.34
CA GLU A 59 18.18 -30.90 -11.94
C GLU A 59 18.97 -31.44 -13.12
N SER A 60 19.70 -30.58 -13.83
CA SER A 60 20.49 -31.04 -14.96
C SER A 60 21.71 -31.85 -14.52
N LEU A 61 22.14 -31.70 -13.25
CA LEU A 61 23.23 -32.52 -12.75
C LEU A 61 22.83 -33.99 -12.72
N THR A 62 21.66 -34.30 -12.17
CA THR A 62 21.18 -35.68 -12.13
C THR A 62 20.51 -36.13 -13.43
N ASP A 63 20.20 -35.20 -14.32
CA ASP A 63 19.56 -35.54 -15.59
C ASP A 63 19.97 -34.50 -16.63
N PRO A 64 21.03 -34.79 -17.39
CA PRO A 64 21.52 -33.80 -18.37
C PRO A 64 20.58 -33.55 -19.54
N SER A 65 19.61 -34.44 -19.80
CA SER A 65 18.68 -34.21 -20.89
C SER A 65 17.75 -33.05 -20.63
N LYS A 66 17.56 -32.66 -19.36
CA LYS A 66 16.73 -31.50 -19.06
C LYS A 66 17.25 -30.23 -19.72
N LEU A 67 18.49 -30.24 -20.20
CA LEU A 67 19.05 -29.10 -20.91
C LEU A 67 18.89 -29.20 -22.42
N ASP A 68 18.22 -30.24 -22.91
CA ASP A 68 17.95 -30.35 -24.34
C ASP A 68 17.20 -29.14 -24.87
N SER A 69 16.38 -28.50 -24.03
CA SER A 69 15.64 -27.30 -24.39
C SER A 69 16.46 -26.02 -24.31
N GLY A 70 17.79 -26.14 -24.25
CA GLY A 70 18.66 -24.98 -24.13
C GLY A 70 19.71 -25.16 -23.06
N LYS A 71 20.99 -25.13 -23.46
CA LYS A 71 22.06 -25.42 -22.51
C LYS A 71 22.54 -24.20 -21.75
N GLU A 72 22.44 -23.00 -22.34
CA GLU A 72 22.96 -21.81 -21.68
C GLU A 72 22.00 -21.30 -20.61
N LEU A 73 22.55 -20.95 -19.46
CA LEU A 73 21.79 -20.37 -18.35
C LEU A 73 22.14 -18.89 -18.27
N LYS A 74 21.16 -18.04 -18.55
CA LYS A 74 21.44 -16.64 -18.80
C LYS A 74 20.18 -15.82 -18.55
N ILE A 75 20.39 -14.51 -18.40
CA ILE A 75 19.33 -13.52 -18.27
C ILE A 75 19.52 -12.46 -19.33
N ASP A 76 18.46 -12.15 -20.08
CA ASP A 76 18.48 -11.09 -21.08
C ASP A 76 17.47 -10.02 -20.71
N ILE A 77 17.83 -8.76 -20.92
CA ILE A 77 16.95 -7.64 -20.61
C ILE A 77 16.82 -6.78 -21.85
N ILE A 78 15.59 -6.54 -22.28
CA ILE A 78 15.32 -5.92 -23.57
C ILE A 78 14.38 -4.74 -23.41
N PRO A 79 14.87 -3.51 -23.34
CA PRO A 79 13.97 -2.35 -23.39
C PRO A 79 13.53 -2.11 -24.82
N ASN A 80 12.27 -1.70 -24.98
CA ASN A 80 11.68 -1.47 -26.30
C ASN A 80 10.93 -0.14 -26.25
N PRO A 81 11.58 0.96 -26.62
CA PRO A 81 10.90 2.26 -26.55
C PRO A 81 9.63 2.35 -27.40
N GLN A 82 9.59 1.72 -28.57
CA GLN A 82 8.43 1.86 -29.45
C GLN A 82 7.19 1.18 -28.89
N GLU A 83 7.35 0.08 -28.16
CA GLU A 83 6.23 -0.60 -27.54
C GLU A 83 6.04 -0.21 -26.09
N ARG A 84 6.94 0.62 -25.57
CA ARG A 84 7.00 0.99 -24.15
C ARG A 84 7.02 -0.25 -23.25
N THR A 85 7.86 -1.22 -23.60
CA THR A 85 7.97 -2.41 -22.78
C THR A 85 9.41 -2.62 -22.33
N LEU A 86 9.56 -3.20 -21.14
CA LEU A 86 10.83 -3.73 -20.69
C LEU A 86 10.64 -5.23 -20.46
N THR A 87 11.46 -6.04 -21.12
CA THR A 87 11.32 -7.49 -21.07
C THR A 87 12.54 -8.11 -20.40
N LEU A 88 12.29 -9.04 -19.48
CA LEU A 88 13.36 -9.87 -18.89
C LEU A 88 13.08 -11.31 -19.28
N VAL A 89 14.07 -11.99 -19.84
CA VAL A 89 13.92 -13.37 -20.26
C VAL A 89 15.04 -14.17 -19.63
N ASP A 90 14.69 -15.23 -18.92
CA ASP A 90 15.72 -16.13 -18.41
C ASP A 90 15.50 -17.53 -18.98
N THR A 91 16.55 -18.33 -18.95
CA THR A 91 16.46 -19.71 -19.41
C THR A 91 16.42 -20.67 -18.23
N GLY A 92 15.69 -20.30 -17.18
CA GLY A 92 15.57 -21.13 -15.99
C GLY A 92 14.60 -22.27 -16.21
N ILE A 93 14.13 -22.84 -15.11
CA ILE A 93 13.34 -24.08 -15.17
C ILE A 93 11.94 -23.83 -15.71
N GLY A 94 11.45 -22.61 -15.64
CA GLY A 94 10.10 -22.31 -16.11
C GLY A 94 9.03 -22.84 -15.16
N MET A 95 7.78 -22.65 -15.57
CA MET A 95 6.62 -23.08 -14.80
C MET A 95 5.64 -23.85 -15.66
N THR A 96 5.07 -24.92 -15.11
CA THR A 96 3.93 -25.56 -15.77
C THR A 96 2.67 -24.69 -15.61
N LYS A 97 1.64 -25.01 -16.40
CA LYS A 97 0.39 -24.28 -16.29
C LYS A 97 -0.16 -24.31 -14.87
N ALA A 98 -0.17 -25.50 -14.25
CA ALA A 98 -0.72 -25.60 -12.90
C ALA A 98 0.05 -24.72 -11.93
N ASP A 99 1.39 -24.72 -12.02
CA ASP A 99 2.17 -23.90 -11.10
C ASP A 99 2.08 -22.42 -11.44
N LEU A 100 1.94 -22.08 -12.73
CA LEU A 100 1.76 -20.69 -13.11
C LEU A 100 0.50 -20.11 -12.47
N ILE A 101 -0.62 -20.82 -12.57
CA ILE A 101 -1.88 -20.33 -12.00
C ILE A 101 -1.78 -20.29 -10.48
N ASN A 102 -1.32 -21.39 -9.88
CA ASN A 102 -1.26 -21.51 -8.43
C ASN A 102 -0.29 -20.49 -7.83
N ASN A 103 0.92 -20.40 -8.39
CA ASN A 103 1.94 -19.58 -7.75
C ASN A 103 1.60 -18.10 -7.81
N LEU A 104 1.13 -17.60 -8.97
CA LEU A 104 0.85 -16.17 -9.11
C LEU A 104 -0.54 -15.79 -8.62
N GLY A 105 -1.48 -16.72 -8.67
CA GLY A 105 -2.86 -16.42 -8.36
C GLY A 105 -3.29 -16.78 -6.95
N THR A 106 -2.60 -17.74 -6.32
CA THR A 106 -3.15 -18.34 -5.10
C THR A 106 -2.13 -18.47 -3.97
N ILE A 107 -1.03 -19.20 -4.20
CA ILE A 107 -0.11 -19.57 -3.11
C ILE A 107 0.64 -18.37 -2.53
N ALA A 108 0.67 -17.25 -3.26
CA ALA A 108 1.31 -16.05 -2.73
C ALA A 108 0.50 -15.38 -1.63
N LYS A 109 -0.71 -15.85 -1.34
CA LYS A 109 -1.56 -15.25 -0.32
C LYS A 109 -0.84 -15.05 1.01
N SER A 110 -0.16 -16.08 1.54
CA SER A 110 0.44 -15.92 2.85
C SER A 110 1.52 -14.85 2.85
N GLY A 111 2.35 -14.83 1.81
CA GLY A 111 3.43 -13.84 1.75
C GLY A 111 2.91 -12.43 1.57
N THR A 112 1.94 -12.24 0.68
CA THR A 112 1.41 -10.89 0.47
C THR A 112 0.67 -10.39 1.73
N LYS A 113 -0.06 -11.26 2.42
CA LYS A 113 -0.73 -10.85 3.65
C LYS A 113 0.29 -10.45 4.72
N ALA A 114 1.32 -11.29 4.91
CA ALA A 114 2.35 -10.98 5.90
C ALA A 114 3.08 -9.71 5.55
N PHE A 115 3.34 -9.48 4.25
CA PHE A 115 4.04 -8.28 3.82
C PHE A 115 3.21 -7.03 4.10
N MET A 116 1.91 -7.07 3.80
CA MET A 116 1.08 -5.90 4.10
C MET A 116 1.02 -5.62 5.60
N GLU A 117 0.99 -6.66 6.43
CA GLU A 117 1.01 -6.43 7.87
C GLU A 117 2.33 -5.80 8.30
N ALA A 118 3.44 -6.25 7.72
CA ALA A 118 4.74 -5.64 8.06
C ALA A 118 4.81 -4.19 7.60
N LEU A 119 4.29 -3.89 6.41
CA LEU A 119 4.26 -2.51 5.92
C LEU A 119 3.44 -1.61 6.84
N GLN A 120 2.30 -2.10 7.31
CA GLN A 120 1.48 -1.29 8.22
C GLN A 120 2.23 -1.02 9.52
N ALA A 121 3.13 -1.92 9.91
CA ALA A 121 3.92 -1.79 11.13
C ALA A 121 5.21 -1.01 10.92
N GLY A 122 5.50 -0.56 9.70
CA GLY A 122 6.67 0.28 9.46
C GLY A 122 7.73 -0.32 8.57
N ALA A 123 7.55 -1.52 8.05
CA ALA A 123 8.48 -2.04 7.05
C ALA A 123 8.39 -1.20 5.78
N ASP A 124 9.38 -1.36 4.89
CA ASP A 124 9.35 -0.63 3.64
C ASP A 124 9.29 -1.59 2.46
N ILE A 125 8.86 -1.06 1.31
CA ILE A 125 8.53 -1.88 0.16
C ILE A 125 9.75 -2.63 -0.37
N SER A 126 10.95 -2.10 -0.15
CA SER A 126 12.15 -2.80 -0.58
C SER A 126 12.32 -4.16 0.10
N MET A 127 11.58 -4.43 1.17
CA MET A 127 11.67 -5.71 1.88
C MET A 127 10.82 -6.80 1.24
N ILE A 128 10.17 -6.53 0.11
CA ILE A 128 9.15 -7.43 -0.44
C ILE A 128 9.70 -8.84 -0.67
N GLY A 129 10.97 -8.96 -1.06
CA GLY A 129 11.52 -10.28 -1.32
C GLY A 129 11.68 -11.16 -0.09
N GLN A 130 11.71 -10.55 1.11
CA GLN A 130 11.77 -11.32 2.35
C GLN A 130 10.44 -12.02 2.67
N PHE A 131 9.40 -11.76 1.88
CA PHE A 131 8.10 -12.40 2.04
C PHE A 131 7.80 -13.32 0.88
N GLY A 132 8.77 -13.52 0.00
CA GLY A 132 8.65 -14.42 -1.14
C GLY A 132 7.72 -13.97 -2.26
N VAL A 133 7.39 -12.68 -2.32
CA VAL A 133 6.41 -12.18 -3.27
C VAL A 133 6.96 -10.98 -4.04
N GLY A 134 8.27 -10.96 -4.25
CA GLY A 134 8.88 -9.83 -4.96
C GLY A 134 8.40 -9.64 -6.38
N PHE A 135 7.87 -10.69 -7.02
CA PHE A 135 7.37 -10.54 -8.39
C PHE A 135 6.41 -9.37 -8.51
N TYR A 136 5.53 -9.18 -7.51
CA TYR A 136 4.51 -8.14 -7.66
C TYR A 136 5.09 -6.74 -7.61
N SER A 137 6.36 -6.59 -7.25
CA SER A 137 6.96 -5.26 -7.35
C SER A 137 7.10 -4.81 -8.79
N ALA A 138 6.88 -5.70 -9.78
CA ALA A 138 6.80 -5.26 -11.17
C ALA A 138 5.82 -4.12 -11.37
N TYR A 139 4.72 -4.10 -10.61
CA TYR A 139 3.72 -3.05 -10.75
C TYR A 139 4.15 -1.71 -10.19
N LEU A 140 5.34 -1.63 -9.57
CA LEU A 140 5.87 -0.31 -9.27
C LEU A 140 6.09 0.49 -10.55
N VAL A 141 6.50 -0.18 -11.64
CA VAL A 141 6.82 0.51 -12.88
C VAL A 141 5.87 0.14 -14.02
N ALA A 142 5.06 -0.91 -13.90
CA ALA A 142 4.27 -1.43 -15.02
C ALA A 142 2.79 -1.24 -14.76
N GLU A 143 2.05 -0.89 -15.82
CA GLU A 143 0.59 -0.91 -15.74
C GLU A 143 0.02 -2.28 -16.06
N LYS A 144 0.79 -3.11 -16.75
CA LYS A 144 0.35 -4.43 -17.16
C LYS A 144 1.59 -5.31 -17.26
N VAL A 145 1.46 -6.55 -16.82
CA VAL A 145 2.58 -7.48 -16.82
C VAL A 145 2.12 -8.76 -17.51
N VAL A 146 2.93 -9.24 -18.44
CA VAL A 146 2.71 -10.49 -19.15
C VAL A 146 3.84 -11.43 -18.76
N VAL A 147 3.49 -12.66 -18.41
CA VAL A 147 4.45 -13.70 -18.06
C VAL A 147 4.27 -14.86 -19.04
N ILE A 148 5.29 -15.10 -19.85
CA ILE A 148 5.34 -16.24 -20.77
C ILE A 148 6.26 -17.28 -20.16
N THR A 149 5.83 -18.53 -20.11
CA THR A 149 6.70 -19.49 -19.44
C THR A 149 6.62 -20.85 -20.11
N LYS A 150 7.73 -21.59 -20.01
CA LYS A 150 7.84 -22.90 -20.64
C LYS A 150 8.68 -23.79 -19.74
N HIS A 151 8.06 -24.84 -19.23
CA HIS A 151 8.71 -25.86 -18.42
C HIS A 151 8.86 -27.11 -19.27
N ASN A 152 9.93 -27.88 -19.02
CA ASN A 152 10.15 -29.10 -19.80
C ASN A 152 8.94 -30.02 -19.80
N ASP A 153 8.15 -30.01 -18.73
CA ASP A 153 7.05 -30.95 -18.54
C ASP A 153 5.71 -30.45 -19.08
N ASP A 154 5.66 -29.30 -19.73
CA ASP A 154 4.39 -28.74 -20.15
C ASP A 154 4.60 -27.93 -21.42
N GLU A 155 3.52 -27.35 -21.93
CA GLU A 155 3.63 -26.49 -23.10
C GLU A 155 3.74 -25.03 -22.66
N GLN A 156 3.98 -24.15 -23.63
CA GLN A 156 4.19 -22.74 -23.33
C GLN A 156 2.87 -22.05 -23.02
N TYR A 157 2.86 -21.24 -21.95
CA TYR A 157 1.66 -20.54 -21.50
C TYR A 157 1.93 -19.06 -21.28
N ALA A 158 0.88 -18.25 -21.42
CA ALA A 158 0.96 -16.81 -21.21
C ALA A 158 -0.02 -16.39 -20.12
N TRP A 159 0.49 -15.67 -19.13
CA TRP A 159 -0.29 -15.11 -18.03
C TRP A 159 -0.25 -13.60 -18.17
N GLU A 160 -1.34 -12.92 -17.82
CA GLU A 160 -1.29 -11.46 -17.83
C GLU A 160 -2.25 -10.88 -16.82
N SER A 161 -1.87 -9.73 -16.25
CA SER A 161 -2.76 -8.99 -15.38
C SER A 161 -2.43 -7.51 -15.42
N SER A 162 -3.47 -6.70 -15.41
CA SER A 162 -3.37 -5.26 -15.21
C SER A 162 -3.78 -4.86 -13.80
N ALA A 163 -3.70 -5.80 -12.84
CA ALA A 163 -3.92 -5.53 -11.41
C ALA A 163 -5.34 -5.04 -11.13
N GLY A 164 -6.32 -5.52 -11.89
CA GLY A 164 -7.69 -5.10 -11.65
C GLY A 164 -8.45 -6.14 -10.85
N GLY A 165 -7.71 -7.06 -10.22
CA GLY A 165 -8.32 -8.10 -9.42
C GLY A 165 -8.28 -9.46 -10.06
N SER A 166 -7.98 -9.54 -11.36
CA SER A 166 -8.00 -10.80 -12.08
C SER A 166 -6.78 -10.92 -12.98
N PHE A 167 -6.55 -12.14 -13.44
CA PHE A 167 -5.53 -12.42 -14.43
C PHE A 167 -6.11 -13.38 -15.46
N THR A 168 -5.45 -13.49 -16.61
CA THR A 168 -5.84 -14.48 -17.62
C THR A 168 -4.64 -15.38 -17.90
N VAL A 169 -4.95 -16.62 -18.27
CA VAL A 169 -3.93 -17.58 -18.69
C VAL A 169 -4.41 -18.19 -19.99
N ARG A 170 -3.50 -18.32 -20.95
CA ARG A 170 -3.83 -18.93 -22.23
C ARG A 170 -2.61 -19.66 -22.75
N ALA A 171 -2.83 -20.72 -23.52
CA ALA A 171 -1.72 -21.37 -24.21
C ALA A 171 -1.07 -20.36 -25.14
N ASP A 172 0.26 -20.36 -25.19
CA ASP A 172 0.99 -19.43 -26.05
C ASP A 172 1.55 -20.20 -27.23
N HIS A 173 0.95 -20.01 -28.40
CA HIS A 173 1.43 -20.60 -29.64
C HIS A 173 2.36 -19.66 -30.40
N GLY A 174 2.69 -18.52 -29.81
CA GLY A 174 3.65 -17.59 -30.37
C GLY A 174 5.07 -18.11 -30.29
N GLU A 175 6.05 -17.21 -30.40
CA GLU A 175 7.45 -17.60 -30.53
C GLU A 175 7.89 -18.48 -29.36
N PRO A 176 8.30 -19.72 -29.61
CA PRO A 176 8.79 -20.57 -28.52
C PRO A 176 10.00 -19.96 -27.82
N ILE A 177 9.99 -20.02 -26.49
CA ILE A 177 11.17 -19.60 -25.73
C ILE A 177 12.04 -20.79 -25.34
N GLY A 178 11.64 -22.02 -25.68
CA GLY A 178 12.45 -23.19 -25.44
C GLY A 178 12.34 -23.72 -24.04
N ARG A 179 12.79 -22.92 -23.07
CA ARG A 179 12.62 -23.20 -21.65
C ARG A 179 12.91 -21.91 -20.91
N GLY A 180 12.08 -21.60 -19.92
CA GLY A 180 12.36 -20.51 -19.03
C GLY A 180 11.14 -19.65 -18.86
N THR A 181 11.39 -18.39 -18.53
CA THR A 181 10.29 -17.47 -18.26
C THR A 181 10.66 -16.10 -18.83
N LYS A 182 9.67 -15.49 -19.46
CA LYS A 182 9.79 -14.16 -20.06
C LYS A 182 8.77 -13.26 -19.36
N VAL A 183 9.24 -12.17 -18.79
CA VAL A 183 8.35 -11.22 -18.11
C VAL A 183 8.38 -9.94 -18.94
N ILE A 184 7.20 -9.49 -19.40
CA ILE A 184 7.07 -8.30 -20.22
C ILE A 184 6.36 -7.23 -19.40
N LEU A 185 7.06 -6.14 -19.12
CA LEU A 185 6.51 -5.05 -18.33
C LEU A 185 6.05 -3.97 -19.30
N HIS A 186 4.76 -3.68 -19.29
CA HIS A 186 4.20 -2.58 -20.06
C HIS A 186 4.28 -1.35 -19.17
N LEU A 187 5.22 -0.45 -19.46
CA LEU A 187 5.60 0.53 -18.46
C LEU A 187 4.59 1.65 -18.34
N LYS A 188 4.45 2.14 -17.10
CA LYS A 188 3.75 3.40 -16.87
C LYS A 188 4.41 4.54 -17.62
N GLU A 189 3.60 5.55 -18.00
CA GLU A 189 4.14 6.66 -18.76
C GLU A 189 5.21 7.41 -17.97
N ASP A 190 5.09 7.46 -16.64
CA ASP A 190 6.05 8.18 -15.81
C ASP A 190 7.32 7.38 -15.53
N GLN A 191 7.39 6.12 -15.97
CA GLN A 191 8.50 5.24 -15.62
C GLN A 191 9.32 4.84 -16.85
N THR A 192 9.31 5.65 -17.89
CA THR A 192 9.99 5.24 -19.11
C THR A 192 11.50 5.41 -19.05
N GLU A 193 12.04 5.88 -17.91
CA GLU A 193 13.49 5.89 -17.74
C GLU A 193 14.07 4.48 -17.85
N TYR A 194 13.28 3.46 -17.54
CA TYR A 194 13.76 2.09 -17.58
C TYR A 194 13.74 1.52 -18.99
N LEU A 195 13.41 2.34 -19.99
CA LEU A 195 13.62 2.02 -21.40
C LEU A 195 15.00 2.45 -21.90
N GLU A 196 15.81 3.07 -21.06
CA GLU A 196 17.11 3.61 -21.47
C GLU A 196 18.23 2.72 -20.94
N GLU A 197 19.26 2.53 -21.78
CA GLU A 197 20.26 1.52 -21.45
C GLU A 197 21.17 1.97 -20.31
N ARG A 198 21.52 3.26 -20.25
CA ARG A 198 22.33 3.73 -19.14
C ARG A 198 21.62 3.53 -17.82
N ARG A 199 20.31 3.76 -17.80
CA ARG A 199 19.57 3.60 -16.56
C ARG A 199 19.49 2.13 -16.16
N VAL A 200 19.10 1.26 -17.09
CA VAL A 200 18.98 -0.17 -16.77
C VAL A 200 20.33 -0.71 -16.29
N LYS A 201 21.41 -0.33 -16.96
CA LYS A 201 22.72 -0.80 -16.52
C LYS A 201 23.06 -0.28 -15.13
N GLU A 202 22.71 0.99 -14.86
CA GLU A 202 22.87 1.56 -13.52
C GLU A 202 22.23 0.69 -12.46
N VAL A 203 20.99 0.26 -12.71
CA VAL A 203 20.24 -0.50 -11.71
C VAL A 203 20.84 -1.88 -11.53
N VAL A 204 21.21 -2.54 -12.64
CA VAL A 204 21.82 -3.87 -12.55
C VAL A 204 23.13 -3.80 -11.75
N LYS A 205 23.95 -2.79 -12.01
CA LYS A 205 25.23 -2.69 -11.31
C LYS A 205 25.01 -2.47 -9.81
N LYS A 206 23.97 -1.71 -9.45
CA LYS A 206 23.77 -1.35 -8.05
C LYS A 206 23.26 -2.52 -7.22
N HIS A 207 22.32 -3.30 -7.78
CA HIS A 207 21.51 -4.22 -7.01
C HIS A 207 21.79 -5.68 -7.28
N SER A 208 22.41 -6.01 -8.39
CA SER A 208 22.50 -7.37 -8.87
C SER A 208 23.90 -7.65 -9.37
N GLN A 209 24.90 -7.15 -8.65
CA GLN A 209 26.29 -7.23 -9.05
C GLN A 209 26.94 -8.57 -8.69
N PHE A 210 26.29 -9.38 -7.87
CA PHE A 210 26.85 -10.67 -7.48
C PHE A 210 25.91 -11.82 -7.85
N ILE A 211 25.10 -11.60 -8.88
CA ILE A 211 24.28 -12.67 -9.44
C ILE A 211 25.18 -13.61 -10.23
N GLY A 212 24.92 -14.91 -10.08
CA GLY A 212 25.84 -15.90 -10.63
C GLY A 212 25.54 -16.33 -12.05
N TYR A 213 24.91 -15.46 -12.84
CA TYR A 213 24.56 -15.74 -14.23
C TYR A 213 24.77 -14.48 -15.05
N PRO A 214 25.09 -14.62 -16.33
CA PRO A 214 25.35 -13.44 -17.16
C PRO A 214 24.05 -12.72 -17.48
N ILE A 215 24.12 -11.39 -17.48
CA ILE A 215 22.96 -10.54 -17.77
C ILE A 215 23.32 -9.70 -18.97
N THR A 216 22.59 -9.87 -20.06
CA THR A 216 22.86 -9.16 -21.32
C THR A 216 21.71 -8.21 -21.64
N LEU A 217 22.08 -7.00 -22.05
CA LEU A 217 21.12 -5.94 -22.36
C LEU A 217 21.06 -5.75 -23.88
N TYR A 218 19.84 -5.73 -24.43
CA TYR A 218 19.60 -5.59 -25.87
C TYR A 218 18.83 -4.31 -26.13
N LEU A 219 19.24 -3.57 -27.16
CA LEU A 219 18.60 -2.29 -27.44
C LEU A 219 18.02 -2.22 -28.85
N GLY B 1 -15.44 57.78 -42.17
CA GLY B 1 -15.20 56.95 -41.01
C GLY B 1 -13.76 56.98 -40.56
N HIS B 2 -13.61 57.25 -39.27
CA HIS B 2 -12.31 57.36 -38.65
C HIS B 2 -11.87 56.00 -38.17
N MET B 3 -10.61 55.89 -37.77
CA MET B 3 -10.13 54.61 -37.28
C MET B 3 -9.58 54.82 -35.88
N PRO B 4 -10.42 55.29 -34.97
CA PRO B 4 -10.00 55.50 -33.59
C PRO B 4 -9.22 54.28 -33.08
N GLU B 5 -8.44 54.48 -32.02
CA GLU B 5 -7.64 53.42 -31.45
C GLU B 5 -7.88 53.56 -29.97
N GLU B 6 -8.24 52.44 -29.35
CA GLU B 6 -8.54 52.39 -27.93
C GLU B 6 -7.29 51.87 -27.23
N VAL B 7 -6.47 52.81 -26.76
CA VAL B 7 -5.20 52.47 -26.11
C VAL B 7 -5.27 52.03 -24.66
N HIS B 8 -6.39 52.27 -23.99
CA HIS B 8 -6.50 51.88 -22.59
C HIS B 8 -7.90 51.38 -22.30
N HIS B 9 -8.01 50.14 -21.85
CA HIS B 9 -9.31 49.55 -21.56
C HIS B 9 -9.61 49.71 -20.07
N GLY B 10 -8.58 50.10 -19.33
CA GLY B 10 -8.71 50.30 -17.89
C GLY B 10 -8.58 48.97 -17.20
N GLU B 11 -9.71 48.29 -17.07
CA GLU B 11 -9.80 47.00 -16.39
C GLU B 11 -9.43 45.76 -17.20
N GLU B 12 -8.25 45.23 -16.92
CA GLU B 12 -7.72 44.00 -17.49
C GLU B 12 -8.79 42.92 -17.55
N GLU B 13 -9.12 42.48 -18.77
CA GLU B 13 -10.21 41.53 -18.94
C GLU B 13 -9.82 40.11 -18.54
N VAL B 14 -8.58 39.69 -18.83
CA VAL B 14 -8.08 38.37 -18.42
C VAL B 14 -6.87 38.57 -17.52
N GLU B 15 -6.90 37.98 -16.33
CA GLU B 15 -5.78 38.04 -15.39
C GLU B 15 -5.17 36.65 -15.26
N THR B 16 -3.84 36.59 -15.32
CA THR B 16 -3.09 35.35 -15.18
C THR B 16 -2.30 35.36 -13.87
N PHE B 17 -2.39 34.27 -13.10
CA PHE B 17 -1.66 34.16 -11.85
C PHE B 17 -0.97 32.80 -11.75
N ALA B 18 0.09 32.76 -10.94
CA ALA B 18 0.75 31.51 -10.59
C ALA B 18 0.06 30.83 -9.41
N PHE B 19 -0.05 29.50 -9.46
CA PHE B 19 -0.43 28.76 -8.27
C PHE B 19 0.65 28.90 -7.21
N GLN B 20 0.24 28.78 -5.94
CA GLN B 20 1.24 28.49 -4.90
C GLN B 20 2.00 27.24 -5.32
N ALA B 21 3.31 27.23 -5.03
CA ALA B 21 4.17 26.16 -5.52
C ALA B 21 3.64 24.79 -5.15
N GLU B 22 3.14 24.65 -3.92
CA GLU B 22 2.66 23.35 -3.44
C GLU B 22 1.47 22.85 -4.26
N ILE B 23 0.59 23.76 -4.68
CA ILE B 23 -0.54 23.37 -5.54
C ILE B 23 -0.03 22.90 -6.89
N ALA B 24 0.88 23.68 -7.49
CA ALA B 24 1.44 23.30 -8.78
C ALA B 24 2.15 21.97 -8.68
N GLN B 25 2.84 21.72 -7.56
CA GLN B 25 3.53 20.45 -7.36
C GLN B 25 2.55 19.29 -7.36
N LEU B 26 1.44 19.44 -6.62
CA LEU B 26 0.44 18.37 -6.60
C LEU B 26 -0.17 18.17 -7.98
N MET B 27 -0.47 19.26 -8.69
CA MET B 27 -1.04 19.13 -10.03
C MET B 27 -0.10 18.36 -10.96
N SER B 28 1.20 18.63 -10.88
CA SER B 28 2.13 17.91 -11.73
C SER B 28 2.15 16.44 -11.35
N LEU B 29 2.09 16.13 -10.04
CA LEU B 29 2.05 14.74 -9.61
C LEU B 29 0.81 14.03 -10.15
N ILE B 30 -0.34 14.71 -10.11
CA ILE B 30 -1.58 14.10 -10.59
C ILE B 30 -1.54 13.90 -12.10
N ILE B 31 -1.06 14.91 -12.85
CA ILE B 31 -1.10 14.80 -14.32
C ILE B 31 -0.17 13.72 -14.83
N ASN B 32 0.95 13.51 -14.15
CA ASN B 32 2.00 12.67 -14.71
C ASN B 32 2.04 11.25 -14.15
N THR B 33 1.39 10.97 -13.02
CA THR B 33 1.58 9.70 -12.33
C THR B 33 0.43 8.76 -12.62
N PHE B 34 0.74 7.48 -12.81
CA PHE B 34 -0.31 6.49 -13.04
C PHE B 34 -1.15 6.30 -11.79
N TYR B 35 -2.46 6.10 -11.98
CA TYR B 35 -3.34 5.65 -10.91
C TYR B 35 -4.32 4.67 -11.51
N SER B 36 -4.61 3.58 -10.78
CA SER B 36 -5.36 2.48 -11.36
C SER B 36 -6.84 2.77 -11.55
N ASN B 37 -7.40 3.76 -10.83
CA ASN B 37 -8.86 3.98 -10.83
C ASN B 37 -9.16 5.47 -11.02
N LYS B 38 -8.83 6.00 -12.19
CA LYS B 38 -8.94 7.44 -12.42
C LYS B 38 -10.39 7.92 -12.38
N GLU B 39 -11.36 7.01 -12.45
CA GLU B 39 -12.77 7.37 -12.35
C GLU B 39 -13.09 8.17 -11.10
N ILE B 40 -12.23 8.11 -10.07
CA ILE B 40 -12.49 8.83 -8.83
C ILE B 40 -12.59 10.33 -9.06
N PHE B 41 -12.10 10.85 -10.20
CA PHE B 41 -12.24 12.28 -10.46
C PHE B 41 -13.70 12.70 -10.38
N LEU B 42 -14.61 11.84 -10.84
CA LEU B 42 -16.01 12.24 -10.87
C LEU B 42 -16.61 12.22 -9.48
N ARG B 43 -16.18 11.28 -8.63
CA ARG B 43 -16.59 11.29 -7.24
C ARG B 43 -16.19 12.59 -6.57
N GLU B 44 -14.99 13.05 -6.86
CA GLU B 44 -14.50 14.25 -6.17
C GLU B 44 -15.27 15.48 -6.62
N LEU B 45 -15.60 15.57 -7.92
CA LEU B 45 -16.42 16.69 -8.42
C LEU B 45 -17.84 16.64 -7.85
N ILE B 46 -18.45 15.46 -7.84
CA ILE B 46 -19.80 15.33 -7.28
C ILE B 46 -19.80 15.67 -5.79
N SER B 47 -18.72 15.29 -5.08
CA SER B 47 -18.61 15.66 -3.67
C SER B 47 -18.56 17.17 -3.50
N ASN B 48 -17.75 17.85 -4.31
CA ASN B 48 -17.72 19.31 -4.27
C ASN B 48 -19.08 19.91 -4.56
N ALA B 49 -19.78 19.38 -5.56
CA ALA B 49 -21.10 19.89 -5.92
C ALA B 49 -22.09 19.67 -4.78
N SER B 50 -22.04 18.49 -4.16
CA SER B 50 -22.94 18.20 -3.05
C SER B 50 -22.71 19.17 -1.90
N ASP B 51 -21.44 19.47 -1.58
CA ASP B 51 -21.14 20.41 -0.51
C ASP B 51 -21.63 21.82 -0.87
N ALA B 52 -21.45 22.23 -2.13
CA ALA B 52 -21.94 23.55 -2.53
C ALA B 52 -23.47 23.58 -2.53
N LEU B 53 -24.09 22.47 -2.91
CA LEU B 53 -25.55 22.41 -2.86
C LEU B 53 -26.04 22.43 -1.42
N ASP B 54 -25.34 21.73 -0.52
CA ASP B 54 -25.71 21.79 0.89
C ASP B 54 -25.62 23.22 1.41
N LYS B 55 -24.62 23.97 0.96
CA LYS B 55 -24.43 25.32 1.48
C LYS B 55 -25.57 26.24 1.06
N ILE B 56 -25.97 26.21 -0.21
CA ILE B 56 -27.07 27.09 -0.63
C ILE B 56 -28.38 26.58 -0.04
N ARG B 57 -28.55 25.26 0.06
CA ARG B 57 -29.77 24.74 0.66
C ARG B 57 -29.93 25.22 2.09
N TYR B 58 -28.83 25.28 2.84
CA TYR B 58 -28.92 25.80 4.19
C TYR B 58 -29.14 27.31 4.19
N GLU B 59 -28.28 28.08 3.53
CA GLU B 59 -28.43 29.53 3.52
C GLU B 59 -29.85 29.95 3.10
N SER B 60 -30.50 29.17 2.25
CA SER B 60 -31.86 29.46 1.84
C SER B 60 -32.91 29.10 2.89
N LEU B 61 -32.53 28.38 3.95
CA LEU B 61 -33.53 28.07 4.98
C LEU B 61 -33.85 29.30 5.81
N THR B 62 -32.92 30.27 5.86
CA THR B 62 -33.15 31.54 6.54
C THR B 62 -33.42 32.69 5.57
N ASP B 63 -33.10 32.54 4.29
CA ASP B 63 -33.37 33.58 3.30
C ASP B 63 -33.80 32.93 2.00
N PRO B 64 -35.09 32.61 1.86
CA PRO B 64 -35.57 32.00 0.61
C PRO B 64 -35.34 32.85 -0.64
N SER B 65 -34.97 34.13 -0.52
CA SER B 65 -34.66 34.90 -1.71
C SER B 65 -33.36 34.47 -2.36
N LYS B 66 -32.51 33.73 -1.63
CA LYS B 66 -31.26 33.25 -2.21
C LYS B 66 -31.49 32.21 -3.30
N LEU B 67 -32.72 31.71 -3.47
CA LEU B 67 -33.06 30.84 -4.58
C LEU B 67 -33.78 31.56 -5.71
N ASP B 68 -33.73 32.89 -5.68
CA ASP B 68 -34.29 33.69 -6.73
C ASP B 68 -33.61 33.33 -8.05
N SER B 69 -32.35 32.93 -7.99
CA SER B 69 -31.61 32.55 -9.20
C SER B 69 -32.21 31.28 -9.83
N GLY B 70 -32.33 30.24 -9.02
CA GLY B 70 -32.88 28.96 -9.45
C GLY B 70 -33.26 28.32 -8.12
N LYS B 71 -34.42 27.66 -8.10
CA LYS B 71 -34.97 26.95 -6.94
C LYS B 71 -34.46 25.52 -6.83
N GLU B 72 -34.19 24.87 -7.96
CA GLU B 72 -33.89 23.45 -7.95
C GLU B 72 -32.41 23.20 -7.67
N LEU B 73 -32.14 22.23 -6.80
CA LEU B 73 -30.78 21.86 -6.44
C LEU B 73 -30.47 20.52 -7.12
N LYS B 74 -29.54 20.55 -8.07
CA LYS B 74 -29.34 19.40 -8.96
C LYS B 74 -27.93 19.42 -9.51
N ILE B 75 -27.55 18.28 -10.08
CA ILE B 75 -26.28 18.10 -10.76
C ILE B 75 -26.55 17.54 -12.16
N ASP B 76 -25.98 18.15 -13.18
CA ASP B 76 -26.12 17.67 -14.54
C ASP B 76 -24.73 17.30 -15.08
N ILE B 77 -24.67 16.21 -15.84
CA ILE B 77 -23.41 15.73 -16.40
C ILE B 77 -23.58 15.61 -17.91
N ILE B 78 -22.72 16.29 -18.67
CA ILE B 78 -22.90 16.39 -20.11
C ILE B 78 -21.62 15.96 -20.83
N PRO B 79 -21.57 14.74 -21.38
CA PRO B 79 -20.41 14.36 -22.19
C PRO B 79 -20.60 14.83 -23.63
N ASN B 80 -19.54 15.41 -24.20
CA ASN B 80 -19.57 15.93 -25.56
C ASN B 80 -18.46 15.24 -26.33
N PRO B 81 -18.75 14.14 -27.04
CA PRO B 81 -17.70 13.42 -27.75
C PRO B 81 -17.03 14.24 -28.84
N GLN B 82 -17.80 15.06 -29.58
CA GLN B 82 -17.22 15.79 -30.71
C GLN B 82 -16.22 16.87 -30.25
N GLU B 83 -16.38 17.39 -29.04
CA GLU B 83 -15.46 18.39 -28.52
C GLU B 83 -14.56 17.84 -27.42
N ARG B 84 -14.77 16.58 -27.03
CA ARG B 84 -13.94 15.89 -26.05
C ARG B 84 -13.97 16.62 -24.71
N THR B 85 -15.17 17.03 -24.31
CA THR B 85 -15.37 17.63 -23.01
C THR B 85 -16.38 16.80 -22.24
N LEU B 86 -16.16 16.74 -20.93
CA LEU B 86 -17.13 16.25 -19.96
C LEU B 86 -17.43 17.41 -19.03
N THR B 87 -18.69 17.81 -18.96
CA THR B 87 -19.09 18.97 -18.18
C THR B 87 -19.94 18.52 -17.01
N LEU B 88 -19.64 19.04 -15.82
CA LEU B 88 -20.52 18.90 -14.65
C LEU B 88 -21.01 20.28 -14.25
N VAL B 89 -22.32 20.43 -14.09
CA VAL B 89 -22.91 21.71 -13.70
C VAL B 89 -23.79 21.46 -12.49
N ASP B 90 -23.59 22.24 -11.43
CA ASP B 90 -24.47 22.17 -10.28
C ASP B 90 -25.08 23.53 -10.01
N THR B 91 -26.22 23.52 -9.31
CA THR B 91 -26.88 24.76 -8.91
C THR B 91 -26.60 25.09 -7.44
N GLY B 92 -25.37 24.84 -6.98
CA GLY B 92 -24.95 25.13 -5.63
C GLY B 92 -24.73 26.62 -5.38
N ILE B 93 -24.03 26.94 -4.28
CA ILE B 93 -23.91 28.35 -3.90
C ILE B 93 -22.96 29.13 -4.79
N GLY B 94 -22.08 28.45 -5.53
CA GLY B 94 -21.14 29.15 -6.39
C GLY B 94 -20.04 29.85 -5.59
N MET B 95 -19.20 30.59 -6.32
CA MET B 95 -18.06 31.29 -5.74
C MET B 95 -17.98 32.71 -6.28
N THR B 96 -17.66 33.65 -5.39
CA THR B 96 -17.30 34.99 -5.82
C THR B 96 -15.96 34.96 -6.51
N LYS B 97 -15.64 36.04 -7.23
CA LYS B 97 -14.34 36.13 -7.88
C LYS B 97 -13.22 35.98 -6.87
N ALA B 98 -13.33 36.68 -5.73
CA ALA B 98 -12.28 36.61 -4.72
C ALA B 98 -12.05 35.18 -4.25
N ASP B 99 -13.13 34.44 -4.01
CA ASP B 99 -12.98 33.08 -3.50
C ASP B 99 -12.52 32.13 -4.61
N LEU B 100 -12.92 32.38 -5.85
CA LEU B 100 -12.44 31.59 -6.96
C LEU B 100 -10.92 31.66 -7.09
N ILE B 101 -10.37 32.88 -7.08
CA ILE B 101 -8.91 33.06 -7.13
C ILE B 101 -8.26 32.46 -5.90
N ASN B 102 -8.78 32.79 -4.73
CA ASN B 102 -8.15 32.39 -3.47
C ASN B 102 -8.21 30.88 -3.29
N ASN B 103 -9.39 30.28 -3.50
CA ASN B 103 -9.58 28.87 -3.17
C ASN B 103 -8.77 27.97 -4.10
N LEU B 104 -8.78 28.25 -5.40
CA LEU B 104 -8.14 27.36 -6.35
C LEU B 104 -6.68 27.69 -6.56
N GLY B 105 -6.29 28.93 -6.33
CA GLY B 105 -4.93 29.33 -6.59
C GLY B 105 -4.05 29.44 -5.38
N THR B 106 -4.63 29.59 -4.18
CA THR B 106 -3.81 30.02 -3.05
C THR B 106 -4.07 29.22 -1.78
N ILE B 107 -5.29 29.26 -1.22
CA ILE B 107 -5.42 28.70 0.12
C ILE B 107 -5.50 27.19 0.11
N ALA B 108 -5.59 26.57 -1.06
CA ALA B 108 -5.43 25.12 -1.16
C ALA B 108 -4.03 24.66 -0.80
N LYS B 109 -3.07 25.59 -0.65
CA LYS B 109 -1.70 25.24 -0.32
C LYS B 109 -1.60 24.29 0.87
N SER B 110 -2.33 24.58 1.96
CA SER B 110 -2.19 23.76 3.16
C SER B 110 -2.65 22.32 2.94
N GLY B 111 -3.82 22.15 2.32
CA GLY B 111 -4.29 20.81 2.01
C GLY B 111 -3.38 20.08 1.03
N THR B 112 -2.90 20.76 -0.01
CA THR B 112 -2.07 20.05 -0.99
C THR B 112 -0.73 19.67 -0.38
N LYS B 113 -0.17 20.54 0.48
CA LYS B 113 1.10 20.20 1.13
C LYS B 113 0.93 19.01 2.07
N ALA B 114 -0.11 19.03 2.91
CA ALA B 114 -0.38 17.93 3.81
C ALA B 114 -0.65 16.65 3.04
N PHE B 115 -1.36 16.75 1.92
CA PHE B 115 -1.66 15.55 1.15
C PHE B 115 -0.40 14.95 0.55
N MET B 116 0.50 15.79 0.05
CA MET B 116 1.72 15.23 -0.50
C MET B 116 2.58 14.63 0.59
N GLU B 117 2.56 15.20 1.80
CA GLU B 117 3.27 14.53 2.88
C GLU B 117 2.63 13.19 3.21
N ALA B 118 1.30 13.12 3.15
CA ALA B 118 0.63 11.83 3.36
C ALA B 118 1.01 10.82 2.26
N LEU B 119 1.07 11.26 1.00
CA LEU B 119 1.53 10.36 -0.06
C LEU B 119 2.92 9.82 0.25
N GLN B 120 3.83 10.69 0.68
CA GLN B 120 5.18 10.21 1.01
C GLN B 120 5.16 9.18 2.12
N ALA B 121 4.18 9.27 3.03
CA ALA B 121 4.10 8.35 4.15
C ALA B 121 3.26 7.13 3.83
N GLY B 122 2.74 6.98 2.62
CA GLY B 122 2.06 5.76 2.22
C GLY B 122 0.63 5.93 1.78
N ALA B 123 0.09 7.14 1.73
CA ALA B 123 -1.26 7.34 1.21
C ALA B 123 -1.26 7.22 -0.32
N ASP B 124 -2.45 7.12 -0.88
CA ASP B 124 -2.60 7.06 -2.34
C ASP B 124 -3.57 8.14 -2.79
N ILE B 125 -3.69 8.28 -4.12
CA ILE B 125 -4.45 9.37 -4.72
C ILE B 125 -5.92 9.34 -4.31
N SER B 126 -6.48 8.17 -4.01
CA SER B 126 -7.91 8.11 -3.70
C SER B 126 -8.26 8.84 -2.42
N MET B 127 -7.26 9.19 -1.60
CA MET B 127 -7.51 9.87 -0.34
C MET B 127 -7.56 11.37 -0.48
N ILE B 128 -7.52 11.90 -1.71
CA ILE B 128 -7.34 13.34 -1.93
C ILE B 128 -8.46 14.17 -1.30
N GLY B 129 -9.70 13.66 -1.31
CA GLY B 129 -10.78 14.42 -0.69
C GLY B 129 -10.67 14.56 0.82
N GLN B 130 -9.91 13.67 1.47
CA GLN B 130 -9.71 13.77 2.92
C GLN B 130 -8.77 14.93 3.28
N PHE B 131 -8.22 15.58 2.27
CA PHE B 131 -7.37 16.75 2.47
C PHE B 131 -8.00 17.99 1.90
N GLY B 132 -9.26 17.90 1.49
CA GLY B 132 -10.01 19.05 1.01
C GLY B 132 -9.57 19.60 -0.32
N VAL B 133 -8.80 18.83 -1.10
CA VAL B 133 -8.29 19.32 -2.37
C VAL B 133 -8.62 18.37 -3.53
N GLY B 134 -9.75 17.68 -3.43
CA GLY B 134 -10.11 16.70 -4.46
C GLY B 134 -10.36 17.30 -5.84
N PHE B 135 -10.65 18.60 -5.92
CA PHE B 135 -10.82 19.23 -7.24
C PHE B 135 -9.66 18.89 -8.19
N TYR B 136 -8.44 18.90 -7.69
CA TYR B 136 -7.30 18.74 -8.58
C TYR B 136 -7.21 17.33 -9.18
N SER B 137 -7.97 16.37 -8.65
CA SER B 137 -8.04 15.07 -9.29
C SER B 137 -8.63 15.12 -10.69
N ALA B 138 -9.27 16.23 -11.09
CA ALA B 138 -9.70 16.44 -12.46
C ALA B 138 -8.58 16.20 -13.46
N TYR B 139 -7.35 16.53 -13.06
CA TYR B 139 -6.23 16.38 -13.98
C TYR B 139 -5.78 14.94 -14.13
N LEU B 140 -6.39 14.00 -13.40
CA LEU B 140 -6.20 12.59 -13.78
C LEU B 140 -6.69 12.32 -15.19
N VAL B 141 -7.75 13.00 -15.62
CA VAL B 141 -8.35 12.71 -16.91
C VAL B 141 -8.35 13.89 -17.85
N ALA B 142 -8.10 15.11 -17.37
CA ALA B 142 -8.25 16.29 -18.20
C ALA B 142 -6.90 16.96 -18.42
N GLU B 143 -6.68 17.46 -19.63
CA GLU B 143 -5.51 18.27 -19.90
C GLU B 143 -5.75 19.74 -19.61
N LYS B 144 -7.01 20.16 -19.59
CA LYS B 144 -7.38 21.54 -19.31
C LYS B 144 -8.72 21.51 -18.58
N VAL B 145 -8.86 22.36 -17.58
CA VAL B 145 -10.10 22.43 -16.81
C VAL B 145 -10.55 23.87 -16.80
N VAL B 146 -11.83 24.08 -17.10
CA VAL B 146 -12.46 25.39 -17.01
C VAL B 146 -13.48 25.33 -15.89
N VAL B 147 -13.49 26.35 -15.03
CA VAL B 147 -14.47 26.47 -13.96
C VAL B 147 -15.22 27.78 -14.17
N ILE B 148 -16.53 27.67 -14.45
CA ILE B 148 -17.44 28.81 -14.57
C ILE B 148 -18.28 28.86 -13.31
N THR B 149 -18.37 30.02 -12.67
CA THR B 149 -19.04 30.05 -11.38
C THR B 149 -19.81 31.35 -11.21
N LYS B 150 -20.94 31.25 -10.51
CA LYS B 150 -21.79 32.41 -10.28
C LYS B 150 -22.35 32.33 -8.87
N HIS B 151 -21.94 33.28 -8.02
CA HIS B 151 -22.45 33.43 -6.67
C HIS B 151 -23.43 34.58 -6.63
N ASN B 152 -24.44 34.46 -5.74
CA ASN B 152 -25.45 35.51 -5.63
C ASN B 152 -24.84 36.89 -5.43
N ASP B 153 -23.68 36.98 -4.80
CA ASP B 153 -23.11 38.29 -4.47
C ASP B 153 -22.14 38.81 -5.52
N ASP B 154 -22.01 38.16 -6.67
CA ASP B 154 -21.00 38.55 -7.65
C ASP B 154 -21.48 38.21 -9.04
N GLU B 155 -20.75 38.68 -10.05
CA GLU B 155 -21.06 38.35 -11.42
C GLU B 155 -20.40 37.02 -11.78
N GLN B 156 -20.68 36.54 -12.99
CA GLN B 156 -20.19 35.24 -13.43
C GLN B 156 -18.73 35.32 -13.87
N TYR B 157 -17.91 34.36 -13.42
CA TYR B 157 -16.49 34.36 -13.73
C TYR B 157 -16.06 32.99 -14.25
N ALA B 158 -15.00 33.02 -15.06
CA ALA B 158 -14.41 31.81 -15.63
C ALA B 158 -12.95 31.69 -15.20
N TRP B 159 -12.60 30.52 -14.68
CA TRP B 159 -11.25 30.15 -14.30
C TRP B 159 -10.79 29.04 -15.22
N GLU B 160 -9.53 29.06 -15.65
CA GLU B 160 -9.06 27.93 -16.44
C GLU B 160 -7.58 27.66 -16.15
N SER B 161 -7.19 26.39 -16.26
CA SER B 161 -5.78 26.06 -16.17
C SER B 161 -5.52 24.77 -16.94
N SER B 162 -4.42 24.77 -17.68
CA SER B 162 -3.84 23.57 -18.27
C SER B 162 -2.66 23.06 -17.45
N ALA B 163 -2.56 23.50 -16.20
CA ALA B 163 -1.62 22.99 -15.20
C ALA B 163 -0.15 23.17 -15.60
N GLY B 164 0.18 24.35 -16.08
CA GLY B 164 1.57 24.65 -16.36
C GLY B 164 2.16 25.56 -15.30
N GLY B 165 1.55 25.53 -14.12
CA GLY B 165 1.91 26.39 -13.02
C GLY B 165 1.11 27.66 -12.92
N SER B 166 0.23 27.94 -13.88
CA SER B 166 -0.53 29.17 -13.89
C SER B 166 -2.00 28.88 -14.18
N PHE B 167 -2.85 29.86 -13.87
CA PHE B 167 -4.26 29.83 -14.22
C PHE B 167 -4.68 31.24 -14.60
N THR B 168 -5.83 31.34 -15.27
CA THR B 168 -6.38 32.64 -15.65
C THR B 168 -7.80 32.77 -15.11
N VAL B 169 -8.20 34.01 -14.83
CA VAL B 169 -9.57 34.29 -14.41
C VAL B 169 -10.08 35.48 -15.22
N ARG B 170 -11.33 35.40 -15.65
CA ARG B 170 -11.91 36.47 -16.44
C ARG B 170 -13.40 36.54 -16.19
N ALA B 171 -13.97 37.74 -16.35
CA ALA B 171 -15.42 37.82 -16.34
C ALA B 171 -15.96 36.95 -17.48
N ASP B 172 -16.99 36.18 -17.19
CA ASP B 172 -17.55 35.25 -18.16
C ASP B 172 -18.76 35.90 -18.80
N HIS B 173 -18.59 36.34 -20.04
CA HIS B 173 -19.70 36.72 -20.89
C HIS B 173 -20.06 35.56 -21.80
N GLY B 174 -20.45 34.46 -21.15
CA GLY B 174 -20.92 33.28 -21.84
C GLY B 174 -22.33 33.00 -21.39
N GLU B 175 -22.83 31.80 -21.70
CA GLU B 175 -24.16 31.40 -21.28
C GLU B 175 -24.31 31.55 -19.77
N PRO B 176 -25.25 32.37 -19.29
CA PRO B 176 -25.40 32.53 -17.83
C PRO B 176 -25.94 31.27 -17.18
N ILE B 177 -25.37 30.91 -16.03
CA ILE B 177 -25.77 29.72 -15.30
C ILE B 177 -26.68 30.05 -14.12
N GLY B 178 -26.98 31.32 -13.88
CA GLY B 178 -27.92 31.72 -12.84
C GLY B 178 -27.33 31.70 -11.43
N ARG B 179 -26.90 30.53 -10.99
CA ARG B 179 -26.20 30.33 -9.73
C ARG B 179 -25.58 28.94 -9.72
N GLY B 180 -24.32 28.84 -9.32
CA GLY B 180 -23.71 27.53 -9.16
C GLY B 180 -22.34 27.49 -9.79
N THR B 181 -21.93 26.30 -10.17
CA THR B 181 -20.60 26.10 -10.72
C THR B 181 -20.67 25.06 -11.83
N LYS B 182 -19.96 25.35 -12.90
CA LYS B 182 -19.83 24.48 -14.06
C LYS B 182 -18.36 24.17 -14.21
N VAL B 183 -18.02 22.88 -14.24
CA VAL B 183 -16.65 22.44 -14.47
C VAL B 183 -16.60 21.74 -15.82
N ILE B 184 -15.72 22.21 -16.69
CA ILE B 184 -15.60 21.65 -18.03
C ILE B 184 -14.25 20.97 -18.12
N LEU B 185 -14.26 19.64 -18.29
CA LEU B 185 -13.04 18.87 -18.41
C LEU B 185 -12.74 18.63 -19.88
N HIS B 186 -11.60 19.14 -20.36
CA HIS B 186 -11.12 18.84 -21.70
C HIS B 186 -10.27 17.57 -21.58
N LEU B 187 -10.81 16.45 -22.04
CA LEU B 187 -10.21 15.17 -21.68
C LEU B 187 -8.96 14.85 -22.49
N LYS B 188 -8.00 14.20 -21.83
CA LYS B 188 -6.86 13.59 -22.50
C LYS B 188 -7.33 12.53 -23.49
N GLU B 189 -6.54 12.37 -24.56
CA GLU B 189 -6.92 11.47 -25.64
C GLU B 189 -7.25 10.05 -25.15
N ASP B 190 -6.48 9.55 -24.18
CA ASP B 190 -6.65 8.16 -23.75
C ASP B 190 -7.69 8.01 -22.66
N GLN B 191 -8.41 9.07 -22.32
CA GLN B 191 -9.42 9.05 -21.26
C GLN B 191 -10.82 9.34 -21.82
N THR B 192 -11.03 9.13 -23.12
CA THR B 192 -12.32 9.44 -23.72
C THR B 192 -13.40 8.40 -23.41
N GLU B 193 -13.08 7.36 -22.63
CA GLU B 193 -14.14 6.47 -22.16
C GLU B 193 -15.17 7.23 -21.34
N TYR B 194 -14.78 8.34 -20.71
CA TYR B 194 -15.73 9.08 -19.88
C TYR B 194 -16.62 9.99 -20.69
N LEU B 195 -16.57 9.89 -22.03
CA LEU B 195 -17.51 10.56 -22.90
C LEU B 195 -18.67 9.65 -23.29
N GLU B 196 -18.62 8.38 -22.90
CA GLU B 196 -19.62 7.40 -23.28
C GLU B 196 -20.72 7.28 -22.23
N GLU B 197 -21.89 6.88 -22.72
CA GLU B 197 -23.09 6.76 -21.90
C GLU B 197 -22.90 5.72 -20.81
N ARG B 198 -22.56 4.50 -21.22
CA ARG B 198 -22.41 3.39 -20.30
C ARG B 198 -21.44 3.71 -19.18
N ARG B 199 -20.33 4.33 -19.54
CA ARG B 199 -19.22 4.48 -18.61
C ARG B 199 -19.57 5.48 -17.52
N VAL B 200 -20.11 6.64 -17.89
CA VAL B 200 -20.45 7.64 -16.89
C VAL B 200 -21.49 7.09 -15.92
N LYS B 201 -22.49 6.39 -16.47
CA LYS B 201 -23.50 5.73 -15.63
C LYS B 201 -22.85 4.81 -14.62
N GLU B 202 -21.91 4.00 -15.09
CA GLU B 202 -21.24 3.04 -14.22
C GLU B 202 -20.49 3.75 -13.09
N VAL B 203 -19.84 4.87 -13.41
CA VAL B 203 -19.05 5.60 -12.41
C VAL B 203 -19.95 6.28 -11.38
N VAL B 204 -21.05 6.90 -11.81
CA VAL B 204 -21.96 7.52 -10.86
C VAL B 204 -22.58 6.49 -9.93
N LYS B 205 -22.99 5.34 -10.48
CA LYS B 205 -23.56 4.27 -9.66
C LYS B 205 -22.55 3.76 -8.64
N LYS B 206 -21.28 3.71 -9.02
CA LYS B 206 -20.26 3.13 -8.14
C LYS B 206 -19.96 4.03 -6.95
N HIS B 207 -19.89 5.35 -7.17
CA HIS B 207 -19.26 6.26 -6.23
C HIS B 207 -20.20 7.26 -5.57
N SER B 208 -21.34 7.54 -6.17
CA SER B 208 -22.14 8.66 -5.70
C SER B 208 -23.60 8.27 -5.66
N GLN B 209 -23.87 7.05 -5.19
CA GLN B 209 -25.20 6.48 -5.18
C GLN B 209 -26.05 6.96 -4.01
N PHE B 210 -25.46 7.64 -3.02
CA PHE B 210 -26.24 8.16 -1.92
C PHE B 210 -26.00 9.66 -1.74
N ILE B 211 -25.78 10.35 -2.85
CA ILE B 211 -25.79 11.80 -2.87
C ILE B 211 -27.24 12.27 -2.78
N GLY B 212 -27.47 13.35 -2.04
CA GLY B 212 -28.84 13.77 -1.76
C GLY B 212 -29.45 14.70 -2.79
N TYR B 213 -28.95 14.67 -4.01
CA TYR B 213 -29.45 15.54 -5.08
C TYR B 213 -29.51 14.74 -6.36
N PRO B 214 -30.44 15.06 -7.25
CA PRO B 214 -30.56 14.29 -8.51
C PRO B 214 -29.41 14.59 -9.46
N ILE B 215 -28.96 13.54 -10.15
CA ILE B 215 -27.87 13.64 -11.13
C ILE B 215 -28.43 13.22 -12.49
N THR B 216 -28.39 14.12 -13.48
CA THR B 216 -28.96 13.84 -14.79
C THR B 216 -27.86 13.81 -15.85
N LEU B 217 -27.94 12.82 -16.76
CA LEU B 217 -26.98 12.67 -17.85
C LEU B 217 -27.58 13.12 -19.18
N TYR B 218 -26.84 13.92 -19.93
CA TYR B 218 -27.33 14.48 -21.18
C TYR B 218 -26.53 13.88 -22.35
N LEU B 219 -26.97 12.69 -22.78
CA LEU B 219 -26.63 12.09 -24.06
C LEU B 219 -27.31 10.74 -24.15
N GLU C 12 48.80 -24.55 13.25
CA GLU C 12 49.38 -24.91 14.54
C GLU C 12 48.99 -23.91 15.62
N GLU C 13 48.50 -24.42 16.75
CA GLU C 13 48.09 -23.57 17.86
C GLU C 13 47.01 -22.57 17.43
N VAL C 14 47.16 -21.33 17.85
CA VAL C 14 46.20 -20.28 17.52
C VAL C 14 46.84 -19.43 16.42
N GLU C 15 46.28 -19.48 15.21
CA GLU C 15 46.88 -18.72 14.13
C GLU C 15 46.13 -17.40 13.99
N THR C 16 46.87 -16.29 13.87
CA THR C 16 46.30 -14.96 13.70
C THR C 16 46.56 -14.47 12.27
N PHE C 17 45.54 -13.93 11.61
CA PHE C 17 45.69 -13.43 10.25
C PHE C 17 45.04 -12.05 10.13
N ALA C 18 45.51 -11.26 9.16
CA ALA C 18 44.89 -9.97 8.87
C ALA C 18 43.80 -10.13 7.79
N PHE C 19 42.70 -9.40 7.96
CA PHE C 19 41.73 -9.27 6.89
C PHE C 19 42.34 -8.55 5.68
N GLN C 20 41.85 -8.88 4.48
CA GLN C 20 42.06 -7.96 3.37
C GLN C 20 41.63 -6.56 3.78
N ALA C 21 42.41 -5.56 3.37
CA ALA C 21 42.16 -4.19 3.80
C ALA C 21 40.71 -3.75 3.57
N GLU C 22 40.14 -4.13 2.43
CA GLU C 22 38.76 -3.72 2.11
C GLU C 22 37.76 -4.29 3.10
N ILE C 23 37.97 -5.53 3.55
CA ILE C 23 37.10 -6.11 4.56
C ILE C 23 37.24 -5.34 5.88
N ALA C 24 38.49 -5.09 6.29
CA ALA C 24 38.74 -4.33 7.50
C ALA C 24 38.12 -2.94 7.42
N GLN C 25 38.16 -2.33 6.23
CA GLN C 25 37.59 -0.98 6.08
C GLN C 25 36.08 -1.02 6.26
N LEU C 26 35.42 -2.04 5.72
CA LEU C 26 33.98 -2.16 5.89
C LEU C 26 33.64 -2.44 7.34
N MET C 27 34.42 -3.30 8.00
CA MET C 27 34.16 -3.61 9.40
C MET C 27 34.26 -2.36 10.27
N SER C 28 35.24 -1.50 9.99
CA SER C 28 35.36 -0.25 10.75
C SER C 28 34.17 0.67 10.49
N LEU C 29 33.73 0.77 9.23
CA LEU C 29 32.55 1.58 8.92
C LEU C 29 31.33 1.05 9.65
N ILE C 30 31.15 -0.27 9.66
CA ILE C 30 29.98 -0.89 10.30
C ILE C 30 29.99 -0.67 11.80
N ILE C 31 31.16 -0.84 12.43
CA ILE C 31 31.21 -0.80 13.88
C ILE C 31 31.07 0.62 14.40
N ASN C 32 31.37 1.63 13.57
CA ASN C 32 31.32 3.03 14.00
C ASN C 32 30.14 3.80 13.43
N THR C 33 29.33 3.20 12.56
CA THR C 33 28.22 3.94 11.95
C THR C 33 27.08 4.11 12.96
N PHE C 34 26.41 5.27 12.88
CA PHE C 34 25.09 5.41 13.50
C PHE C 34 24.11 5.05 12.40
N TYR C 35 23.72 3.80 12.38
CA TYR C 35 22.61 3.30 11.57
C TYR C 35 21.52 2.88 12.54
N SER C 36 20.30 3.39 12.34
CA SER C 36 19.26 3.12 13.32
C SER C 36 18.77 1.67 13.23
N ASN C 37 18.64 1.15 12.01
CA ASN C 37 17.97 -0.14 11.78
C ASN C 37 18.96 -1.30 11.92
N LYS C 38 19.57 -1.40 13.11
CA LYS C 38 20.64 -2.38 13.32
C LYS C 38 20.11 -3.80 13.38
N GLU C 39 18.81 -3.98 13.61
CA GLU C 39 18.24 -5.32 13.72
C GLU C 39 18.44 -6.15 12.46
N ILE C 40 18.83 -5.53 11.34
CA ILE C 40 19.03 -6.31 10.13
C ILE C 40 20.16 -7.31 10.26
N PHE C 41 21.00 -7.20 11.30
CA PHE C 41 22.08 -8.18 11.46
C PHE C 41 21.52 -9.58 11.56
N LEU C 42 20.37 -9.75 12.20
CA LEU C 42 19.84 -11.08 12.44
C LEU C 42 19.35 -11.71 11.14
N ARG C 43 18.71 -10.91 10.28
CA ARG C 43 18.29 -11.39 8.96
C ARG C 43 19.48 -11.90 8.15
N GLU C 44 20.61 -11.19 8.24
CA GLU C 44 21.77 -11.61 7.46
C GLU C 44 22.34 -12.93 7.96
N LEU C 45 22.35 -13.13 9.28
CA LEU C 45 22.84 -14.40 9.81
C LEU C 45 21.89 -15.54 9.45
N ILE C 46 20.59 -15.31 9.59
CA ILE C 46 19.62 -16.35 9.25
C ILE C 46 19.71 -16.67 7.76
N SER C 47 19.98 -15.65 6.93
CA SER C 47 20.12 -15.89 5.50
C SER C 47 21.34 -16.75 5.19
N ASN C 48 22.47 -16.50 5.87
CA ASN C 48 23.63 -17.37 5.72
C ASN C 48 23.31 -18.79 6.21
N ALA C 49 22.60 -18.91 7.35
CA ALA C 49 22.21 -20.23 7.83
C ALA C 49 21.34 -20.94 6.81
N SER C 50 20.37 -20.22 6.25
CA SER C 50 19.47 -20.83 5.28
C SER C 50 20.24 -21.31 4.05
N ASP C 51 21.20 -20.51 3.58
CA ASP C 51 21.99 -20.94 2.42
C ASP C 51 22.82 -22.18 2.74
N ALA C 52 23.39 -22.25 3.94
CA ALA C 52 24.18 -23.41 4.34
C ALA C 52 23.31 -24.65 4.52
N LEU C 53 22.08 -24.45 5.00
CA LEU C 53 21.17 -25.58 5.14
C LEU C 53 20.71 -26.09 3.79
N ASP C 54 20.41 -25.18 2.86
CA ASP C 54 20.12 -25.58 1.48
C ASP C 54 21.23 -26.46 0.91
N LYS C 55 22.47 -26.08 1.19
CA LYS C 55 23.62 -26.78 0.61
C LYS C 55 23.69 -28.23 1.09
N ILE C 56 23.58 -28.45 2.40
CA ILE C 56 23.65 -29.83 2.89
C ILE C 56 22.40 -30.60 2.50
N ARG C 57 21.24 -29.92 2.39
CA ARG C 57 20.03 -30.62 1.96
C ARG C 57 20.19 -31.18 0.56
N TYR C 58 20.81 -30.41 -0.34
CA TYR C 58 20.93 -30.86 -1.72
C TYR C 58 22.02 -31.91 -1.86
N GLU C 59 23.11 -31.79 -1.10
CA GLU C 59 24.12 -32.83 -1.11
C GLU C 59 23.61 -34.13 -0.49
N SER C 60 22.69 -34.04 0.48
CA SER C 60 22.13 -35.23 1.08
C SER C 60 21.25 -36.01 0.11
N LEU C 61 20.73 -35.35 -0.93
CA LEU C 61 19.84 -36.03 -1.86
C LEU C 61 20.57 -37.09 -2.68
N THR C 62 21.84 -36.86 -3.02
CA THR C 62 22.65 -37.84 -3.71
C THR C 62 23.52 -38.67 -2.77
N ASP C 63 23.64 -38.27 -1.51
CA ASP C 63 24.40 -39.03 -0.51
C ASP C 63 23.78 -38.79 0.84
N PRO C 64 22.84 -39.65 1.27
CA PRO C 64 22.23 -39.48 2.60
C PRO C 64 23.21 -39.64 3.74
N SER C 65 24.34 -40.33 3.53
CA SER C 65 25.30 -40.50 4.61
C SER C 65 25.91 -39.18 5.05
N LYS C 66 25.81 -38.13 4.21
CA LYS C 66 26.27 -36.81 4.64
C LYS C 66 25.43 -36.26 5.78
N LEU C 67 24.29 -36.87 6.09
CA LEU C 67 23.49 -36.52 7.25
C LEU C 67 23.77 -37.40 8.47
N ASP C 68 24.75 -38.30 8.38
CA ASP C 68 25.14 -39.09 9.54
C ASP C 68 25.54 -38.18 10.70
N SER C 69 26.07 -37.01 10.37
CA SER C 69 26.47 -36.03 11.38
C SER C 69 25.20 -35.68 12.14
N GLY C 70 24.22 -35.14 11.43
CA GLY C 70 22.95 -34.80 12.05
C GLY C 70 21.84 -34.75 11.03
N LYS C 71 20.69 -35.34 11.37
CA LYS C 71 19.58 -35.44 10.41
C LYS C 71 18.81 -34.14 10.27
N GLU C 72 18.50 -33.46 11.38
CA GLU C 72 17.56 -32.35 11.34
C GLU C 72 18.24 -31.09 10.80
N LEU C 73 17.53 -30.38 9.93
CA LEU C 73 18.01 -29.12 9.36
C LEU C 73 17.24 -27.98 10.05
N LYS C 74 17.95 -27.21 10.86
CA LYS C 74 17.27 -26.29 11.78
C LYS C 74 18.21 -25.16 12.13
N ILE C 75 17.62 -24.12 12.71
CA ILE C 75 18.33 -22.96 13.23
C ILE C 75 17.87 -22.76 14.66
N ASP C 76 18.81 -22.51 15.58
CA ASP C 76 18.49 -22.23 16.97
C ASP C 76 19.11 -20.88 17.34
N ILE C 77 18.37 -20.09 18.11
CA ILE C 77 18.81 -18.76 18.54
C ILE C 77 18.74 -18.70 20.05
N ILE C 78 19.87 -18.36 20.68
CA ILE C 78 19.99 -18.47 22.13
C ILE C 78 20.50 -17.15 22.71
N PRO C 79 19.63 -16.34 23.30
CA PRO C 79 20.09 -15.14 24.01
C PRO C 79 20.47 -15.46 25.44
N ASN C 80 21.57 -14.86 25.88
CA ASN C 80 22.14 -15.11 27.19
C ASN C 80 22.41 -13.76 27.84
N PRO C 81 21.47 -13.24 28.63
CA PRO C 81 21.69 -11.93 29.26
C PRO C 81 22.91 -11.89 30.18
N GLN C 82 23.15 -12.96 30.94
CA GLN C 82 24.26 -12.95 31.90
C GLN C 82 25.60 -12.88 31.20
N GLU C 83 25.74 -13.55 30.06
CA GLU C 83 26.98 -13.55 29.30
C GLU C 83 27.03 -12.42 28.27
N ARG C 84 25.90 -11.74 28.05
CA ARG C 84 25.81 -10.70 27.03
C ARG C 84 26.15 -11.26 25.65
N THR C 85 25.70 -12.49 25.37
CA THR C 85 25.87 -13.11 24.08
C THR C 85 24.53 -13.48 23.45
N LEU C 86 24.48 -13.39 22.13
CA LEU C 86 23.39 -13.92 21.32
C LEU C 86 24.02 -14.93 20.37
N THR C 87 23.52 -16.17 20.40
CA THR C 87 24.10 -17.26 19.65
C THR C 87 23.11 -17.75 18.61
N LEU C 88 23.57 -17.93 17.37
CA LEU C 88 22.78 -18.59 16.34
C LEU C 88 23.53 -19.83 15.92
N VAL C 89 22.86 -20.98 15.92
CA VAL C 89 23.53 -22.21 15.51
C VAL C 89 22.65 -22.93 14.49
N ASP C 90 23.24 -23.32 13.37
CA ASP C 90 22.50 -24.05 12.35
C ASP C 90 23.17 -25.40 12.13
N THR C 91 22.40 -26.34 11.56
CA THR C 91 22.95 -27.63 11.18
C THR C 91 23.22 -27.71 9.68
N GLY C 92 23.71 -26.61 9.10
CA GLY C 92 24.02 -26.56 7.69
C GLY C 92 25.29 -27.31 7.33
N ILE C 93 25.80 -27.01 6.13
CA ILE C 93 26.93 -27.76 5.60
C ILE C 93 28.22 -27.48 6.36
N GLY C 94 28.31 -26.36 7.05
CA GLY C 94 29.53 -25.99 7.73
C GLY C 94 30.63 -25.57 6.77
N MET C 95 31.82 -25.32 7.34
CA MET C 95 32.96 -24.84 6.59
C MET C 95 34.21 -25.61 6.98
N THR C 96 35.01 -26.00 5.99
CA THR C 96 36.34 -26.52 6.28
C THR C 96 37.22 -25.39 6.80
N LYS C 97 38.39 -25.75 7.31
CA LYS C 97 39.32 -24.72 7.80
C LYS C 97 39.71 -23.76 6.70
N ALA C 98 40.05 -24.29 5.51
CA ALA C 98 40.49 -23.41 4.43
C ALA C 98 39.36 -22.49 4.00
N ASP C 99 38.13 -23.00 3.95
CA ASP C 99 37.03 -22.14 3.52
C ASP C 99 36.68 -21.13 4.61
N LEU C 100 36.83 -21.51 5.88
CA LEU C 100 36.61 -20.57 6.97
C LEU C 100 37.56 -19.38 6.85
N ILE C 101 38.86 -19.64 6.71
CA ILE C 101 39.84 -18.56 6.58
C ILE C 101 39.60 -17.75 5.31
N ASN C 102 39.44 -18.45 4.18
CA ASN C 102 39.27 -17.74 2.91
C ASN C 102 37.99 -16.93 2.89
N ASN C 103 36.86 -17.53 3.27
CA ASN C 103 35.58 -16.84 3.12
C ASN C 103 35.49 -15.61 4.00
N LEU C 104 35.99 -15.70 5.24
CA LEU C 104 35.82 -14.59 6.16
C LEU C 104 36.99 -13.61 6.11
N GLY C 105 38.15 -14.07 5.66
CA GLY C 105 39.34 -13.23 5.72
C GLY C 105 39.74 -12.63 4.39
N THR C 106 39.32 -13.24 3.29
CA THR C 106 39.93 -12.95 1.99
C THR C 106 38.93 -12.78 0.85
N ILE C 107 38.15 -13.83 0.56
CA ILE C 107 37.29 -13.84 -0.62
C ILE C 107 36.21 -12.77 -0.55
N ALA C 108 35.87 -12.30 0.64
CA ALA C 108 34.87 -11.24 0.76
C ALA C 108 35.37 -9.90 0.26
N LYS C 109 36.63 -9.82 -0.17
CA LYS C 109 37.19 -8.53 -0.59
C LYS C 109 36.35 -7.85 -1.66
N SER C 110 36.00 -8.56 -2.75
CA SER C 110 35.33 -7.88 -3.84
C SER C 110 33.95 -7.37 -3.41
N GLY C 111 33.25 -8.16 -2.62
CA GLY C 111 31.94 -7.75 -2.15
C GLY C 111 31.98 -6.57 -1.21
N THR C 112 32.96 -6.55 -0.30
CA THR C 112 33.04 -5.44 0.65
C THR C 112 33.47 -4.15 -0.05
N LYS C 113 34.37 -4.25 -1.03
CA LYS C 113 34.78 -3.06 -1.79
C LYS C 113 33.60 -2.51 -2.59
N ALA C 114 32.88 -3.39 -3.28
CA ALA C 114 31.75 -2.96 -4.08
C ALA C 114 30.65 -2.37 -3.22
N PHE C 115 30.46 -2.93 -2.01
CA PHE C 115 29.44 -2.41 -1.11
C PHE C 115 29.81 -1.03 -0.58
N MET C 116 31.08 -0.82 -0.22
CA MET C 116 31.50 0.51 0.19
C MET C 116 31.34 1.53 -0.94
N GLU C 117 31.62 1.11 -2.18
CA GLU C 117 31.36 2.00 -3.32
C GLU C 117 29.89 2.34 -3.42
N ALA C 118 29.02 1.35 -3.25
CA ALA C 118 27.59 1.60 -3.33
C ALA C 118 27.12 2.50 -2.21
N LEU C 119 27.65 2.31 -0.99
CA LEU C 119 27.30 3.19 0.12
C LEU C 119 27.62 4.64 -0.20
N GLN C 120 28.76 4.89 -0.85
CA GLN C 120 29.10 6.26 -1.22
C GLN C 120 28.19 6.81 -2.31
N ALA C 121 27.55 5.94 -3.10
CA ALA C 121 26.63 6.40 -4.14
C ALA C 121 25.18 6.46 -3.67
N GLY C 122 24.92 6.26 -2.39
CA GLY C 122 23.58 6.40 -1.85
C GLY C 122 22.92 5.13 -1.38
N ALA C 123 23.59 3.99 -1.46
CA ALA C 123 23.02 2.77 -0.90
C ALA C 123 22.99 2.85 0.63
N ASP C 124 22.22 1.98 1.25
CA ASP C 124 22.14 1.94 2.71
C ASP C 124 22.58 0.58 3.23
N ILE C 125 22.82 0.54 4.55
CA ILE C 125 23.42 -0.63 5.20
C ILE C 125 22.60 -1.89 4.92
N SER C 126 21.27 -1.75 4.84
CA SER C 126 20.42 -2.92 4.72
C SER C 126 20.59 -3.64 3.39
N MET C 127 21.30 -3.05 2.42
CA MET C 127 21.58 -3.72 1.15
C MET C 127 22.79 -4.64 1.22
N ILE C 128 23.40 -4.79 2.39
CA ILE C 128 24.68 -5.48 2.50
C ILE C 128 24.62 -6.89 1.91
N GLY C 129 23.48 -7.58 2.08
CA GLY C 129 23.36 -8.93 1.55
C GLY C 129 23.42 -9.03 0.04
N GLN C 130 23.09 -7.95 -0.68
CA GLN C 130 23.17 -7.96 -2.13
C GLN C 130 24.60 -7.94 -2.64
N PHE C 131 25.56 -7.84 -1.73
CA PHE C 131 26.97 -7.90 -2.05
C PHE C 131 27.62 -9.14 -1.49
N GLY C 132 26.83 -10.05 -0.93
CA GLY C 132 27.33 -11.30 -0.41
C GLY C 132 28.16 -11.22 0.85
N VAL C 133 28.10 -10.11 1.59
CA VAL C 133 28.98 -9.90 2.73
C VAL C 133 28.15 -9.53 3.95
N GLY C 134 26.92 -10.03 4.01
CA GLY C 134 26.04 -9.70 5.12
C GLY C 134 26.57 -10.11 6.48
N PHE C 135 27.46 -11.12 6.53
CA PHE C 135 28.01 -11.54 7.82
C PHE C 135 28.55 -10.37 8.63
N TYR C 136 29.21 -9.42 7.97
CA TYR C 136 29.91 -8.38 8.73
C TYR C 136 28.94 -7.43 9.41
N SER C 137 27.65 -7.45 9.07
CA SER C 137 26.66 -6.68 9.80
C SER C 137 26.53 -7.12 11.25
N ALA C 138 27.09 -8.29 11.61
CA ALA C 138 27.13 -8.67 13.03
C ALA C 138 27.77 -7.60 13.89
N TYR C 139 28.72 -6.83 13.35
CA TYR C 139 29.42 -5.81 14.11
C TYR C 139 28.59 -4.55 14.30
N LEU C 140 27.38 -4.49 13.72
CA LEU C 140 26.44 -3.46 14.14
C LEU C 140 26.09 -3.58 15.61
N VAL C 141 26.00 -4.81 16.14
CA VAL C 141 25.56 -5.03 17.51
C VAL C 141 26.61 -5.72 18.37
N ALA C 142 27.64 -6.35 17.80
CA ALA C 142 28.59 -7.14 18.56
C ALA C 142 29.96 -6.46 18.60
N GLU C 143 30.59 -6.49 19.76
CA GLU C 143 31.98 -6.05 19.88
C GLU C 143 32.98 -7.14 19.51
N LYS C 144 32.55 -8.40 19.55
CA LYS C 144 33.37 -9.55 19.22
C LYS C 144 32.45 -10.61 18.65
N VAL C 145 32.92 -11.35 17.65
CA VAL C 145 32.13 -12.39 17.02
C VAL C 145 32.98 -13.65 16.96
N VAL C 146 32.42 -14.76 17.43
CA VAL C 146 33.06 -16.07 17.36
C VAL C 146 32.26 -16.93 16.40
N VAL C 147 32.95 -17.62 15.50
CA VAL C 147 32.31 -18.53 14.56
C VAL C 147 32.91 -19.90 14.77
N ILE C 148 32.09 -20.84 15.21
CA ILE C 148 32.49 -22.24 15.37
C ILE C 148 31.89 -23.01 14.20
N THR C 149 32.67 -23.86 13.55
CA THR C 149 32.14 -24.51 12.36
C THR C 149 32.67 -25.93 12.23
N LYS C 150 31.83 -26.80 11.64
CA LYS C 150 32.17 -28.20 11.44
C LYS C 150 31.61 -28.66 10.11
N HIS C 151 32.49 -29.02 9.19
CA HIS C 151 32.14 -29.57 7.90
C HIS C 151 32.45 -31.07 7.93
N ASN C 152 31.64 -31.85 7.22
CA ASN C 152 31.89 -33.30 7.15
C ASN C 152 33.30 -33.63 6.69
N ASP C 153 33.96 -32.75 5.95
CA ASP C 153 35.27 -33.05 5.39
C ASP C 153 36.44 -32.55 6.25
N ASP C 154 36.18 -32.04 7.46
CA ASP C 154 37.25 -31.44 8.26
C ASP C 154 36.90 -31.57 9.74
N GLU C 155 37.81 -31.11 10.61
CA GLU C 155 37.54 -31.09 12.03
C GLU C 155 36.88 -29.76 12.40
N GLN C 156 36.49 -29.63 13.67
CA GLN C 156 35.78 -28.45 14.14
C GLN C 156 36.78 -27.32 14.41
N TYR C 157 36.46 -26.11 13.93
CA TYR C 157 37.35 -24.97 14.05
C TYR C 157 36.61 -23.77 14.65
N ALA C 158 37.37 -22.91 15.32
CA ALA C 158 36.85 -21.68 15.91
C ALA C 158 37.57 -20.48 15.33
N TRP C 159 36.79 -19.53 14.81
CA TRP C 159 37.25 -18.26 14.28
C TRP C 159 36.76 -17.16 15.21
N GLU C 160 37.58 -16.14 15.45
CA GLU C 160 37.07 -15.02 16.22
C GLU C 160 37.73 -13.72 15.78
N SER C 161 36.98 -12.63 15.90
CA SER C 161 37.54 -11.31 15.63
C SER C 161 36.79 -10.27 16.44
N SER C 162 37.54 -9.35 17.03
CA SER C 162 36.98 -8.12 17.59
C SER C 162 37.25 -6.92 16.69
N ALA C 163 37.42 -7.14 15.38
CA ALA C 163 37.55 -6.10 14.36
C ALA C 163 38.80 -5.24 14.52
N GLY C 164 39.89 -5.80 15.00
CA GLY C 164 41.06 -4.94 15.04
C GLY C 164 41.88 -4.92 13.76
N GLY C 165 41.32 -5.43 12.67
CA GLY C 165 42.08 -5.71 11.47
C GLY C 165 42.53 -7.14 11.34
N SER C 166 42.35 -7.95 12.39
CA SER C 166 42.83 -9.32 12.37
C SER C 166 41.78 -10.24 12.97
N PHE C 167 41.98 -11.54 12.74
CA PHE C 167 41.15 -12.59 13.31
C PHE C 167 42.05 -13.75 13.71
N THR C 168 41.52 -14.65 14.53
CA THR C 168 42.27 -15.85 14.90
C THR C 168 41.46 -17.09 14.49
N VAL C 169 42.17 -18.16 14.19
CA VAL C 169 41.53 -19.44 13.89
C VAL C 169 42.29 -20.52 14.66
N ARG C 170 41.55 -21.42 15.31
CA ARG C 170 42.16 -22.50 16.05
C ARG C 170 41.27 -23.74 15.95
N ALA C 171 41.90 -24.91 16.05
CA ALA C 171 41.11 -26.12 16.22
C ALA C 171 40.28 -25.98 17.49
N ASP C 172 39.02 -26.37 17.40
CA ASP C 172 38.10 -26.23 18.53
C ASP C 172 37.87 -27.63 19.09
N HIS C 173 38.39 -27.88 20.28
CA HIS C 173 38.17 -29.15 20.94
C HIS C 173 37.03 -29.07 21.95
N GLY C 174 36.32 -27.95 21.98
CA GLY C 174 35.15 -27.78 22.81
C GLY C 174 33.97 -28.63 22.37
N GLU C 175 32.77 -28.29 22.84
CA GLU C 175 31.57 -29.08 22.57
C GLU C 175 31.40 -29.31 21.08
N PRO C 176 31.43 -30.56 20.61
CA PRO C 176 31.19 -30.82 19.19
C PRO C 176 29.78 -30.42 18.79
N ILE C 177 29.67 -29.72 17.66
CA ILE C 177 28.37 -29.33 17.12
C ILE C 177 27.86 -30.31 16.08
N GLY C 178 28.66 -31.32 15.73
CA GLY C 178 28.25 -32.36 14.82
C GLY C 178 28.49 -32.01 13.37
N ARG C 179 27.79 -30.98 12.91
CA ARG C 179 27.92 -30.41 11.58
C ARG C 179 27.17 -29.09 11.58
N GLY C 180 27.75 -28.05 10.98
CA GLY C 180 27.04 -26.79 10.88
C GLY C 180 27.92 -25.66 11.33
N THR C 181 27.29 -24.54 11.68
CA THR C 181 28.01 -23.34 12.09
C THR C 181 27.30 -22.68 13.26
N LYS C 182 28.07 -22.28 14.27
CA LYS C 182 27.57 -21.55 15.42
C LYS C 182 28.23 -20.18 15.43
N VAL C 183 27.40 -19.13 15.49
CA VAL C 183 27.89 -17.75 15.55
C VAL C 183 27.53 -17.17 16.91
N ILE C 184 28.54 -16.73 17.66
CA ILE C 184 28.35 -16.18 19.01
C ILE C 184 28.65 -14.69 18.94
N LEU C 185 27.63 -13.87 19.16
CA LEU C 185 27.76 -12.42 19.17
C LEU C 185 27.92 -11.94 20.60
N HIS C 186 29.07 -11.31 20.90
CA HIS C 186 29.28 -10.65 22.19
C HIS C 186 28.80 -9.22 22.04
N LEU C 187 27.66 -8.89 22.66
CA LEU C 187 26.95 -7.67 22.29
C LEU C 187 27.54 -6.44 22.96
N LYS C 188 27.50 -5.33 22.22
CA LYS C 188 27.84 -4.02 22.77
C LYS C 188 26.87 -3.67 23.91
N GLU C 189 27.32 -2.75 24.77
CA GLU C 189 26.54 -2.37 25.95
C GLU C 189 25.15 -1.87 25.57
N ASP C 190 25.05 -1.10 24.51
CA ASP C 190 23.80 -0.44 24.17
C ASP C 190 22.93 -1.25 23.22
N GLN C 191 23.31 -2.49 22.93
CA GLN C 191 22.54 -3.34 22.05
C GLN C 191 21.97 -4.56 22.77
N THR C 192 21.80 -4.47 24.10
CA THR C 192 21.35 -5.61 24.89
C THR C 192 19.87 -5.89 24.72
N GLU C 193 19.13 -5.07 23.97
CA GLU C 193 17.74 -5.39 23.67
C GLU C 193 17.63 -6.72 22.93
N TYR C 194 18.65 -7.09 22.16
CA TYR C 194 18.63 -8.35 21.43
C TYR C 194 18.94 -9.55 22.32
N LEU C 195 19.02 -9.35 23.64
CA LEU C 195 19.06 -10.45 24.59
C LEU C 195 17.69 -10.80 25.15
N GLU C 196 16.71 -9.91 24.93
CA GLU C 196 15.34 -10.19 25.32
C GLU C 196 14.65 -10.94 24.18
N GLU C 197 14.17 -12.13 24.50
CA GLU C 197 13.68 -13.04 23.47
C GLU C 197 12.47 -12.48 22.73
N ARG C 198 11.63 -11.72 23.45
CA ARG C 198 10.51 -11.03 22.83
C ARG C 198 10.97 -10.11 21.71
N ARG C 199 12.08 -9.40 21.92
CA ARG C 199 12.63 -8.57 20.86
C ARG C 199 13.13 -9.43 19.70
N VAL C 200 13.78 -10.57 19.99
CA VAL C 200 14.28 -11.42 18.91
C VAL C 200 13.11 -11.94 18.07
N LYS C 201 11.97 -12.18 18.71
CA LYS C 201 10.79 -12.64 17.99
C LYS C 201 10.36 -11.58 16.96
N GLU C 202 10.22 -10.34 17.40
CA GLU C 202 9.84 -9.25 16.53
C GLU C 202 10.73 -9.24 15.30
N VAL C 203 12.05 -9.36 15.51
CA VAL C 203 12.99 -9.29 14.41
C VAL C 203 12.85 -10.50 13.49
N VAL C 204 12.76 -11.70 14.06
CA VAL C 204 12.61 -12.90 13.22
C VAL C 204 11.30 -12.85 12.44
N LYS C 205 10.23 -12.41 13.09
CA LYS C 205 8.93 -12.33 12.42
C LYS C 205 8.95 -11.28 11.34
N LYS C 206 9.68 -10.19 11.56
CA LYS C 206 9.66 -9.10 10.59
C LYS C 206 10.47 -9.44 9.35
N HIS C 207 11.65 -10.04 9.54
CA HIS C 207 12.63 -10.15 8.46
C HIS C 207 12.83 -11.55 7.91
N SER C 208 12.41 -12.59 8.62
CA SER C 208 12.81 -13.94 8.24
C SER C 208 11.64 -14.90 8.41
N GLN C 209 10.45 -14.47 8.03
CA GLN C 209 9.21 -15.19 8.29
C GLN C 209 8.94 -16.28 7.24
N PHE C 210 9.71 -16.32 6.16
CA PHE C 210 9.50 -17.28 5.09
C PHE C 210 10.78 -18.04 4.80
N ILE C 211 11.59 -18.21 5.84
CA ILE C 211 12.74 -19.11 5.81
C ILE C 211 12.25 -20.55 5.85
N GLY C 212 12.87 -21.41 5.04
CA GLY C 212 12.34 -22.76 4.89
C GLY C 212 12.83 -23.76 5.92
N TYR C 213 13.26 -23.29 7.09
CA TYR C 213 13.75 -24.16 8.16
C TYR C 213 13.22 -23.67 9.48
N PRO C 214 13.00 -24.56 10.45
CA PRO C 214 12.46 -24.14 11.74
C PRO C 214 13.49 -23.34 12.51
N ILE C 215 13.03 -22.28 13.17
CA ILE C 215 13.89 -21.43 13.96
C ILE C 215 13.39 -21.50 15.40
N THR C 216 14.19 -22.10 16.28
CA THR C 216 13.81 -22.32 17.66
C THR C 216 14.59 -21.39 18.59
N LEU C 217 13.96 -21.01 19.70
CA LEU C 217 14.48 -20.02 20.63
C LEU C 217 14.74 -20.68 21.99
N TYR C 218 15.62 -20.06 22.79
CA TYR C 218 16.04 -20.67 24.06
C TYR C 218 16.31 -19.55 25.07
N LEU C 219 15.28 -19.16 25.82
CA LEU C 219 15.50 -18.32 27.00
C LEU C 219 15.02 -19.03 28.26
N GLU D 12 -39.54 -5.71 29.16
CA GLU D 12 -39.66 -4.37 28.61
C GLU D 12 -38.41 -3.54 28.87
N GLU D 13 -37.47 -4.08 29.64
CA GLU D 13 -36.23 -3.37 29.91
C GLU D 13 -35.25 -3.48 28.75
N VAL D 14 -34.98 -4.72 28.31
CA VAL D 14 -34.04 -4.99 27.22
C VAL D 14 -34.83 -5.64 26.07
N GLU D 15 -34.61 -5.14 24.86
CA GLU D 15 -35.27 -5.65 23.67
C GLU D 15 -34.20 -6.16 22.70
N THR D 16 -34.45 -7.34 22.14
CA THR D 16 -33.57 -7.95 21.14
C THR D 16 -34.27 -7.90 19.78
N PHE D 17 -33.51 -7.52 18.75
CA PHE D 17 -34.03 -7.44 17.39
C PHE D 17 -33.04 -8.07 16.42
N ALA D 18 -33.56 -8.49 15.27
CA ALA D 18 -32.72 -8.94 14.17
C ALA D 18 -32.42 -7.80 13.22
N PHE D 19 -31.19 -7.76 12.72
CA PHE D 19 -30.87 -6.91 11.58
C PHE D 19 -31.68 -7.35 10.37
N GLN D 20 -31.96 -6.41 9.48
CA GLN D 20 -32.32 -6.79 8.11
C GLN D 20 -31.23 -7.70 7.55
N ALA D 21 -31.65 -8.67 6.74
CA ALA D 21 -30.72 -9.70 6.28
C ALA D 21 -29.52 -9.08 5.56
N GLU D 22 -29.77 -8.02 4.77
CA GLU D 22 -28.69 -7.40 4.01
C GLU D 22 -27.64 -6.77 4.92
N ILE D 23 -28.08 -6.21 6.04
CA ILE D 23 -27.13 -5.65 7.00
C ILE D 23 -26.30 -6.75 7.64
N ALA D 24 -26.96 -7.83 8.09
CA ALA D 24 -26.23 -8.96 8.65
C ALA D 24 -25.26 -9.54 7.63
N GLN D 25 -25.64 -9.57 6.36
CA GLN D 25 -24.77 -10.10 5.32
C GLN D 25 -23.49 -9.28 5.21
N LEU D 26 -23.64 -7.95 5.21
CA LEU D 26 -22.47 -7.10 5.12
C LEU D 26 -21.60 -7.25 6.36
N MET D 27 -22.23 -7.36 7.53
CA MET D 27 -21.42 -7.53 8.75
C MET D 27 -20.62 -8.83 8.69
N SER D 28 -21.24 -9.91 8.22
CA SER D 28 -20.50 -11.17 8.11
C SER D 28 -19.35 -11.04 7.11
N LEU D 29 -19.59 -10.34 6.00
CA LEU D 29 -18.52 -10.10 5.03
C LEU D 29 -17.37 -9.32 5.66
N ILE D 30 -17.69 -8.28 6.43
CA ILE D 30 -16.66 -7.47 7.10
C ILE D 30 -15.88 -8.31 8.10
N ILE D 31 -16.56 -9.22 8.80
CA ILE D 31 -15.89 -10.00 9.84
C ILE D 31 -15.08 -11.15 9.25
N ASN D 32 -15.57 -11.78 8.18
CA ASN D 32 -15.05 -13.06 7.72
C ASN D 32 -14.20 -13.01 6.46
N THR D 33 -14.14 -11.89 5.76
CA THR D 33 -13.31 -11.84 4.56
C THR D 33 -12.12 -10.94 4.82
N PHE D 34 -11.10 -11.10 3.99
CA PHE D 34 -9.84 -10.42 4.24
C PHE D 34 -9.90 -8.95 3.81
N TYR D 35 -9.49 -8.07 4.71
CA TYR D 35 -9.25 -6.68 4.33
C TYR D 35 -8.01 -6.19 5.04
N SER D 36 -7.03 -5.77 4.27
CA SER D 36 -6.00 -4.91 4.80
C SER D 36 -6.58 -3.52 4.94
N ASN D 37 -5.85 -2.63 5.58
CA ASN D 37 -6.29 -1.25 5.72
C ASN D 37 -7.51 -1.14 6.63
N LYS D 38 -7.53 -1.94 7.71
CA LYS D 38 -8.63 -1.88 8.67
C LYS D 38 -8.71 -0.54 9.38
N GLU D 39 -7.64 0.23 9.37
CA GLU D 39 -7.62 1.51 10.08
C GLU D 39 -8.72 2.46 9.61
N ILE D 40 -9.32 2.19 8.43
CA ILE D 40 -10.36 3.11 7.96
C ILE D 40 -11.57 3.12 8.89
N PHE D 41 -11.71 2.14 9.79
CA PHE D 41 -12.83 2.17 10.75
C PHE D 41 -12.87 3.50 11.50
N LEU D 42 -11.69 4.04 11.85
CA LEU D 42 -11.67 5.25 12.65
C LEU D 42 -12.11 6.47 11.84
N ARG D 43 -11.69 6.54 10.56
CA ARG D 43 -12.21 7.57 9.68
C ARG D 43 -13.73 7.52 9.61
N GLU D 44 -14.30 6.32 9.50
CA GLU D 44 -15.76 6.23 9.34
C GLU D 44 -16.48 6.69 10.59
N LEU D 45 -15.94 6.37 11.77
CA LEU D 45 -16.55 6.84 13.01
C LEU D 45 -16.47 8.36 13.12
N ILE D 46 -15.30 8.92 12.82
CA ILE D 46 -15.15 10.38 12.88
C ILE D 46 -16.06 11.06 11.87
N SER D 47 -16.26 10.44 10.70
CA SER D 47 -17.16 11.02 9.71
C SER D 47 -18.59 11.08 10.23
N ASN D 48 -19.05 10.01 10.88
CA ASN D 48 -20.39 10.02 11.47
C ASN D 48 -20.47 11.05 12.58
N ALA D 49 -19.44 11.15 13.41
CA ALA D 49 -19.41 12.17 14.46
C ALA D 49 -19.47 13.57 13.87
N SER D 50 -18.64 13.83 12.86
CA SER D 50 -18.64 15.14 12.23
C SER D 50 -20.01 15.46 11.64
N ASP D 51 -20.67 14.49 11.02
CA ASP D 51 -22.00 14.74 10.45
C ASP D 51 -23.01 15.04 11.55
N ALA D 52 -22.93 14.32 12.67
CA ALA D 52 -23.84 14.59 13.77
C ALA D 52 -23.55 15.94 14.41
N LEU D 53 -22.28 16.32 14.48
CA LEU D 53 -21.92 17.65 14.99
C LEU D 53 -22.43 18.75 14.07
N ASP D 54 -22.27 18.57 12.75
CA ASP D 54 -22.86 19.52 11.80
C ASP D 54 -24.35 19.70 12.05
N LYS D 55 -25.05 18.60 12.35
CA LYS D 55 -26.50 18.65 12.48
C LYS D 55 -26.93 19.50 13.67
N ILE D 56 -26.32 19.27 14.84
CA ILE D 56 -26.70 20.07 16.01
C ILE D 56 -26.23 21.50 15.83
N ARG D 57 -25.11 21.71 15.14
CA ARG D 57 -24.63 23.07 14.92
C ARG D 57 -25.64 23.88 14.11
N TYR D 58 -26.27 23.26 13.12
CA TYR D 58 -27.25 23.95 12.31
C TYR D 58 -28.50 24.28 13.12
N GLU D 59 -29.09 23.28 13.77
CA GLU D 59 -30.29 23.54 14.57
C GLU D 59 -30.01 24.50 15.72
N SER D 60 -28.73 24.71 16.06
CA SER D 60 -28.35 25.69 17.07
C SER D 60 -28.54 27.11 16.57
N LEU D 61 -28.48 27.32 15.25
CA LEU D 61 -28.64 28.67 14.70
C LEU D 61 -30.08 29.14 14.80
N THR D 62 -31.04 28.25 14.56
CA THR D 62 -32.44 28.59 14.77
C THR D 62 -32.78 28.59 16.26
N ASP D 63 -32.54 27.46 16.94
CA ASP D 63 -32.87 27.30 18.35
C ASP D 63 -31.58 27.23 19.16
N PRO D 64 -31.19 28.32 19.84
CA PRO D 64 -29.99 28.24 20.70
C PRO D 64 -30.17 27.35 21.91
N SER D 65 -31.40 27.15 22.39
CA SER D 65 -31.63 26.34 23.58
C SER D 65 -31.30 24.86 23.36
N LYS D 66 -31.03 24.45 22.13
CA LYS D 66 -30.64 23.06 21.87
C LYS D 66 -29.24 22.75 22.38
N LEU D 67 -28.51 23.72 22.95
CA LEU D 67 -27.15 23.51 23.37
C LEU D 67 -26.95 23.58 24.88
N ASP D 68 -28.00 23.82 25.67
CA ASP D 68 -27.79 23.77 27.11
C ASP D 68 -27.48 22.37 27.60
N SER D 69 -27.73 21.34 26.78
CA SER D 69 -27.27 20.00 27.08
C SER D 69 -25.78 19.83 26.82
N GLY D 70 -25.11 20.89 26.36
CA GLY D 70 -23.70 20.84 26.04
C GLY D 70 -23.40 21.73 24.86
N LYS D 71 -22.58 22.77 25.06
CA LYS D 71 -22.35 23.74 24.00
C LYS D 71 -21.08 23.49 23.20
N GLU D 72 -20.09 22.80 23.74
CA GLU D 72 -18.89 22.53 22.97
C GLU D 72 -19.14 21.38 22.01
N LEU D 73 -18.76 21.56 20.75
CA LEU D 73 -18.89 20.54 19.73
C LEU D 73 -17.51 19.91 19.53
N LYS D 74 -17.35 18.65 19.96
CA LYS D 74 -16.03 18.05 20.02
C LYS D 74 -16.12 16.54 19.83
N ILE D 75 -14.96 15.94 19.59
CA ILE D 75 -14.82 14.50 19.51
C ILE D 75 -13.70 14.08 20.45
N ASP D 76 -13.97 13.09 21.30
CA ASP D 76 -12.97 12.55 22.21
C ASP D 76 -12.74 11.08 21.86
N ILE D 77 -11.49 10.65 21.92
CA ILE D 77 -11.13 9.27 21.64
C ILE D 77 -10.39 8.73 22.86
N ILE D 78 -10.89 7.61 23.40
CA ILE D 78 -10.40 7.10 24.68
C ILE D 78 -10.00 5.63 24.55
N PRO D 79 -8.70 5.35 24.52
CA PRO D 79 -8.22 3.97 24.49
C PRO D 79 -8.09 3.42 25.92
N ASN D 80 -8.58 2.21 26.18
CA ASN D 80 -8.54 1.60 27.50
C ASN D 80 -7.90 0.23 27.37
N PRO D 81 -6.58 0.13 27.55
CA PRO D 81 -5.91 -1.16 27.40
C PRO D 81 -6.44 -2.21 28.38
N GLN D 82 -6.82 -1.80 29.59
CA GLN D 82 -7.26 -2.75 30.59
C GLN D 82 -8.56 -3.41 30.17
N GLU D 83 -9.51 -2.63 29.65
CA GLU D 83 -10.79 -3.16 29.21
C GLU D 83 -10.79 -3.57 27.74
N ARG D 84 -9.68 -3.36 27.04
CA ARG D 84 -9.54 -3.66 25.62
C ARG D 84 -10.65 -2.98 24.80
N THR D 85 -10.88 -1.71 25.09
CA THR D 85 -11.90 -0.94 24.43
C THR D 85 -11.30 0.33 23.87
N LEU D 86 -11.82 0.75 22.72
CA LEU D 86 -11.54 2.07 22.16
C LEU D 86 -12.87 2.78 22.05
N THR D 87 -12.99 3.92 22.72
CA THR D 87 -14.24 4.66 22.77
C THR D 87 -14.10 5.96 22.01
N LEU D 88 -15.10 6.29 21.19
CA LEU D 88 -15.22 7.60 20.57
C LEU D 88 -16.51 8.22 21.06
N VAL D 89 -16.42 9.46 21.57
CA VAL D 89 -17.59 10.19 22.07
C VAL D 89 -17.66 11.53 21.35
N ASP D 90 -18.82 11.85 20.79
CA ASP D 90 -19.02 13.16 20.22
C ASP D 90 -20.19 13.85 20.91
N THR D 91 -20.22 15.18 20.83
CA THR D 91 -21.32 15.97 21.37
C THR D 91 -22.27 16.42 20.26
N GLY D 92 -22.49 15.55 19.28
CA GLY D 92 -23.38 15.83 18.18
C GLY D 92 -24.84 15.75 18.59
N ILE D 93 -25.70 15.65 17.58
CA ILE D 93 -27.15 15.72 17.82
C ILE D 93 -27.68 14.47 18.51
N GLY D 94 -27.02 13.34 18.38
CA GLY D 94 -27.50 12.11 19.00
C GLY D 94 -28.68 11.52 18.24
N MET D 95 -29.23 10.45 18.81
CA MET D 95 -30.31 9.70 18.17
C MET D 95 -31.40 9.41 19.18
N THR D 96 -32.66 9.63 18.78
CA THR D 96 -33.76 9.14 19.60
C THR D 96 -33.78 7.62 19.57
N LYS D 97 -34.61 7.02 20.42
CA LYS D 97 -34.69 5.56 20.45
C LYS D 97 -35.12 5.01 19.10
N ALA D 98 -36.15 5.62 18.49
CA ALA D 98 -36.63 5.10 17.21
C ALA D 98 -35.56 5.24 16.13
N ASP D 99 -34.81 6.34 16.15
CA ASP D 99 -33.77 6.53 15.15
C ASP D 99 -32.61 5.57 15.38
N LEU D 100 -32.31 5.28 16.65
CA LEU D 100 -31.25 4.33 16.95
C LEU D 100 -31.58 2.96 16.38
N ILE D 101 -32.78 2.46 16.67
CA ILE D 101 -33.21 1.16 16.16
C ILE D 101 -33.28 1.18 14.63
N ASN D 102 -33.93 2.22 14.06
CA ASN D 102 -34.11 2.27 12.61
C ASN D 102 -32.78 2.37 11.89
N ASN D 103 -31.90 3.28 12.34
CA ASN D 103 -30.70 3.59 11.56
C ASN D 103 -29.74 2.42 11.55
N LEU D 104 -29.57 1.74 12.70
CA LEU D 104 -28.59 0.68 12.81
C LEU D 104 -29.16 -0.69 12.46
N GLY D 105 -30.47 -0.85 12.58
CA GLY D 105 -31.07 -2.18 12.43
C GLY D 105 -31.84 -2.38 11.14
N THR D 106 -32.25 -1.28 10.50
CA THR D 106 -33.27 -1.42 9.45
C THR D 106 -32.96 -0.59 8.21
N ILE D 107 -32.93 0.74 8.32
CA ILE D 107 -32.89 1.53 7.08
C ILE D 107 -31.51 1.54 6.43
N ALA D 108 -30.50 0.99 7.09
CA ALA D 108 -29.23 0.79 6.38
C ALA D 108 -29.31 -0.31 5.33
N LYS D 109 -30.45 -1.01 5.23
CA LYS D 109 -30.60 -2.10 4.26
C LYS D 109 -30.15 -1.68 2.85
N SER D 110 -30.66 -0.56 2.34
CA SER D 110 -30.38 -0.23 0.94
C SER D 110 -28.91 0.08 0.72
N GLY D 111 -28.29 0.79 1.68
CA GLY D 111 -26.87 1.07 1.56
C GLY D 111 -26.00 -0.17 1.65
N THR D 112 -26.33 -1.07 2.57
CA THR D 112 -25.53 -2.30 2.69
C THR D 112 -25.71 -3.19 1.47
N LYS D 113 -26.94 -3.30 0.95
CA LYS D 113 -27.17 -4.10 -0.24
C LYS D 113 -26.42 -3.52 -1.43
N ALA D 114 -26.49 -2.18 -1.59
CA ALA D 114 -25.81 -1.55 -2.70
C ALA D 114 -24.31 -1.68 -2.57
N PHE D 115 -23.79 -1.57 -1.34
CA PHE D 115 -22.34 -1.67 -1.14
C PHE D 115 -21.85 -3.08 -1.47
N MET D 116 -22.61 -4.11 -1.07
CA MET D 116 -22.19 -5.46 -1.38
C MET D 116 -22.18 -5.71 -2.89
N GLU D 117 -23.14 -5.12 -3.62
CA GLU D 117 -23.13 -5.22 -5.07
C GLU D 117 -21.92 -4.51 -5.65
N ALA D 118 -21.56 -3.36 -5.09
CA ALA D 118 -20.40 -2.62 -5.57
C ALA D 118 -19.11 -3.39 -5.30
N LEU D 119 -19.00 -4.01 -4.11
CA LEU D 119 -17.81 -4.80 -3.79
C LEU D 119 -17.60 -5.92 -4.80
N GLN D 120 -18.69 -6.60 -5.19
CA GLN D 120 -18.56 -7.65 -6.18
C GLN D 120 -18.17 -7.13 -7.55
N ALA D 121 -18.48 -5.87 -7.85
CA ALA D 121 -18.08 -5.24 -9.10
C ALA D 121 -16.70 -4.60 -9.03
N GLY D 122 -16.04 -4.63 -7.88
CA GLY D 122 -14.67 -4.15 -7.81
C GLY D 122 -14.42 -2.99 -6.87
N ALA D 123 -15.44 -2.58 -6.10
CA ALA D 123 -15.24 -1.60 -5.05
C ALA D 123 -14.36 -2.19 -3.95
N ASP D 124 -13.80 -1.33 -3.11
CA ASP D 124 -13.02 -1.80 -1.96
C ASP D 124 -13.63 -1.29 -0.65
N ILE D 125 -13.18 -1.89 0.46
CA ILE D 125 -13.83 -1.63 1.75
C ILE D 125 -13.73 -0.17 2.16
N SER D 126 -12.70 0.55 1.71
CA SER D 126 -12.56 1.94 2.11
C SER D 126 -13.65 2.83 1.52
N MET D 127 -14.45 2.32 0.57
CA MET D 127 -15.53 3.09 -0.03
C MET D 127 -16.83 2.99 0.75
N ILE D 128 -16.82 2.33 1.91
CA ILE D 128 -18.05 1.98 2.62
C ILE D 128 -18.86 3.22 3.00
N GLY D 129 -18.17 4.31 3.33
CA GLY D 129 -18.92 5.51 3.68
C GLY D 129 -19.64 6.17 2.51
N GLN D 130 -19.24 5.86 1.27
CA GLN D 130 -19.96 6.38 0.10
C GLN D 130 -21.32 5.74 -0.07
N PHE D 131 -21.60 4.72 0.73
CA PHE D 131 -22.89 4.05 0.74
C PHE D 131 -23.65 4.31 2.02
N GLY D 132 -23.15 5.21 2.87
CA GLY D 132 -23.86 5.64 4.07
C GLY D 132 -23.90 4.64 5.19
N VAL D 133 -23.04 3.62 5.16
CA VAL D 133 -23.09 2.53 6.13
C VAL D 133 -21.68 2.29 6.69
N GLY D 134 -20.88 3.36 6.73
CA GLY D 134 -19.54 3.25 7.29
C GLY D 134 -19.50 2.74 8.73
N PHE D 135 -20.58 2.92 9.49
CA PHE D 135 -20.60 2.42 10.87
C PHE D 135 -20.17 0.96 10.97
N TYR D 136 -20.61 0.12 10.05
CA TYR D 136 -20.36 -1.32 10.19
C TYR D 136 -18.89 -1.67 10.01
N SER D 137 -18.07 -0.74 9.51
CA SER D 137 -16.63 -0.98 9.46
C SER D 137 -16.01 -1.14 10.84
N ALA D 138 -16.71 -0.73 11.92
CA ALA D 138 -16.24 -1.01 13.27
C ALA D 138 -15.92 -2.49 13.46
N TYR D 139 -16.67 -3.38 12.80
CA TYR D 139 -16.47 -4.81 12.96
C TYR D 139 -15.22 -5.32 12.24
N LEU D 140 -14.52 -4.44 11.51
CA LEU D 140 -13.18 -4.80 11.05
C LEU D 140 -12.24 -5.07 12.21
N VAL D 141 -12.42 -4.34 13.31
CA VAL D 141 -11.50 -4.42 14.44
C VAL D 141 -12.19 -4.81 15.75
N ALA D 142 -13.51 -4.78 15.83
CA ALA D 142 -14.19 -4.98 17.10
C ALA D 142 -15.02 -6.26 17.07
N GLU D 143 -15.00 -7.01 18.18
CA GLU D 143 -15.85 -8.19 18.31
C GLU D 143 -17.24 -7.83 18.82
N LYS D 144 -17.36 -6.73 19.53
CA LYS D 144 -18.63 -6.23 20.03
C LYS D 144 -18.58 -4.71 19.98
N VAL D 145 -19.70 -4.10 19.60
CA VAL D 145 -19.79 -2.64 19.56
C VAL D 145 -20.98 -2.24 20.40
N VAL D 146 -20.78 -1.24 21.26
CA VAL D 146 -21.84 -0.63 22.04
C VAL D 146 -22.01 0.82 21.57
N VAL D 147 -23.25 1.22 21.31
CA VAL D 147 -23.57 2.58 20.93
C VAL D 147 -24.48 3.16 22.00
N ILE D 148 -24.02 4.21 22.67
CA ILE D 148 -24.79 4.90 23.68
C ILE D 148 -25.11 6.27 23.11
N THR D 149 -26.38 6.68 23.19
CA THR D 149 -26.77 7.89 22.49
C THR D 149 -27.82 8.65 23.30
N LYS D 150 -27.79 9.98 23.16
CA LYS D 150 -28.73 10.86 23.85
C LYS D 150 -29.09 11.99 22.89
N HIS D 151 -30.35 12.04 22.50
CA HIS D 151 -30.91 13.12 21.72
C HIS D 151 -31.72 14.03 22.65
N ASN D 152 -31.77 15.32 22.31
CA ASN D 152 -32.49 16.29 23.15
C ASN D 152 -33.95 15.89 23.36
N ASP D 153 -34.53 15.16 22.41
CA ASP D 153 -35.96 14.84 22.44
C ASP D 153 -36.23 13.44 23.00
N ASP D 154 -35.26 12.83 23.68
CA ASP D 154 -35.46 11.47 24.19
C ASP D 154 -34.52 11.22 25.36
N GLU D 155 -34.63 10.02 25.93
CA GLU D 155 -33.76 9.57 27.01
C GLU D 155 -32.53 8.88 26.44
N GLN D 156 -31.59 8.54 27.33
CA GLN D 156 -30.35 7.90 26.89
C GLN D 156 -30.58 6.41 26.66
N TYR D 157 -30.10 5.90 25.53
CA TYR D 157 -30.27 4.49 25.19
C TYR D 157 -28.94 3.85 24.82
N ALA D 158 -28.86 2.54 25.03
CA ALA D 158 -27.68 1.75 24.70
C ALA D 158 -28.06 0.65 23.71
N TRP D 159 -27.37 0.65 22.57
CA TRP D 159 -27.46 -0.37 21.53
C TRP D 159 -26.21 -1.22 21.61
N GLU D 160 -26.35 -2.53 21.37
CA GLU D 160 -25.17 -3.39 21.40
C GLU D 160 -25.34 -4.52 20.39
N SER D 161 -24.23 -4.93 19.76
CA SER D 161 -24.25 -6.13 18.93
C SER D 161 -22.88 -6.77 19.00
N SER D 162 -22.89 -8.08 18.76
CA SER D 162 -21.69 -8.89 18.65
C SER D 162 -21.81 -9.56 17.27
N ALA D 163 -22.64 -8.98 16.41
CA ALA D 163 -22.86 -9.46 15.04
C ALA D 163 -23.08 -10.95 14.69
N GLY D 164 -24.18 -11.55 15.15
CA GLY D 164 -24.52 -12.90 14.78
C GLY D 164 -25.90 -12.78 14.18
N GLY D 165 -26.26 -11.57 13.74
CA GLY D 165 -27.58 -11.39 13.18
C GLY D 165 -28.53 -10.58 14.04
N SER D 166 -28.18 -10.27 15.29
CA SER D 166 -29.11 -9.57 16.17
C SER D 166 -28.39 -8.50 16.97
N PHE D 167 -29.18 -7.60 17.54
CA PHE D 167 -28.69 -6.53 18.40
C PHE D 167 -29.69 -6.32 19.54
N THR D 168 -29.26 -5.62 20.59
CA THR D 168 -30.16 -5.33 21.70
C THR D 168 -30.22 -3.82 21.92
N VAL D 169 -31.34 -3.37 22.45
CA VAL D 169 -31.51 -1.96 22.81
C VAL D 169 -32.13 -1.89 24.21
N ARG D 170 -31.62 -0.98 25.03
CA ARG D 170 -32.14 -0.82 26.38
C ARG D 170 -31.93 0.63 26.80
N ALA D 171 -32.76 1.05 27.76
CA ALA D 171 -32.50 2.33 28.42
C ALA D 171 -31.16 2.26 29.12
N ASP D 172 -30.33 3.28 28.93
CA ASP D 172 -28.97 3.27 29.46
C ASP D 172 -28.98 3.92 30.84
N HIS D 173 -28.60 3.16 31.87
CA HIS D 173 -28.53 3.65 33.24
C HIS D 173 -27.09 3.94 33.67
N GLY D 174 -26.18 4.06 32.72
CA GLY D 174 -24.80 4.44 32.99
C GLY D 174 -24.62 5.94 33.05
N GLU D 175 -23.36 6.36 32.95
CA GLU D 175 -23.04 7.77 33.07
C GLU D 175 -23.74 8.58 32.00
N PRO D 176 -24.43 9.67 32.37
CA PRO D 176 -25.08 10.52 31.36
C PRO D 176 -24.05 11.21 30.48
N ILE D 177 -24.29 11.21 29.18
CA ILE D 177 -23.40 11.87 28.22
C ILE D 177 -23.93 13.24 27.82
N GLY D 178 -25.08 13.66 28.34
CA GLY D 178 -25.61 14.99 28.08
C GLY D 178 -26.31 15.12 26.75
N ARG D 179 -25.55 14.93 25.67
CA ARG D 179 -26.06 14.94 24.31
C ARG D 179 -24.97 14.41 23.40
N GLY D 180 -25.35 13.56 22.45
CA GLY D 180 -24.38 13.06 21.50
C GLY D 180 -24.40 11.55 21.44
N THR D 181 -23.30 10.96 21.01
CA THR D 181 -23.22 9.53 20.79
C THR D 181 -21.85 9.04 21.22
N LYS D 182 -21.83 7.93 21.93
CA LYS D 182 -20.61 7.28 22.39
C LYS D 182 -20.54 5.89 21.78
N VAL D 183 -19.45 5.59 21.09
CA VAL D 183 -19.29 4.29 20.44
C VAL D 183 -18.14 3.58 21.13
N ILE D 184 -18.40 2.38 21.64
CA ILE D 184 -17.43 1.62 22.41
C ILE D 184 -17.07 0.38 21.62
N LEU D 185 -15.82 0.29 21.18
CA LEU D 185 -15.35 -0.84 20.40
C LEU D 185 -14.61 -1.80 21.31
N HIS D 186 -15.15 -3.02 21.46
CA HIS D 186 -14.47 -4.07 22.18
C HIS D 186 -13.56 -4.77 21.18
N LEU D 187 -12.26 -4.49 21.24
CA LEU D 187 -11.37 -4.86 20.14
C LEU D 187 -11.06 -6.35 20.13
N LYS D 188 -10.95 -6.90 18.91
CA LYS D 188 -10.42 -8.24 18.75
C LYS D 188 -8.98 -8.32 19.27
N GLU D 189 -8.59 -9.51 19.73
CA GLU D 189 -7.30 -9.66 20.40
C GLU D 189 -6.14 -9.21 19.52
N ASP D 190 -6.24 -9.40 18.20
CA ASP D 190 -5.15 -9.06 17.30
C ASP D 190 -5.22 -7.63 16.79
N GLN D 191 -6.15 -6.81 17.30
CA GLN D 191 -6.28 -5.43 16.88
C GLN D 191 -5.94 -4.44 18.00
N THR D 192 -5.18 -4.88 19.01
CA THR D 192 -4.86 -4.02 20.15
C THR D 192 -3.90 -2.89 19.81
N GLU D 193 -3.35 -2.87 18.58
CA GLU D 193 -2.53 -1.73 18.19
C GLU D 193 -3.33 -0.43 18.24
N TYR D 194 -4.66 -0.52 18.11
CA TYR D 194 -5.50 0.68 18.15
C TYR D 194 -5.80 1.12 19.59
N LEU D 195 -5.18 0.49 20.58
CA LEU D 195 -5.25 0.95 21.96
C LEU D 195 -4.07 1.83 22.35
N GLU D 196 -3.10 2.03 21.47
CA GLU D 196 -1.89 2.74 21.87
C GLU D 196 -1.83 4.11 21.19
N GLU D 197 -1.13 5.04 21.85
CA GLU D 197 -1.21 6.45 21.49
C GLU D 197 -0.60 6.71 20.12
N ARG D 198 0.59 6.15 19.85
CA ARG D 198 1.28 6.45 18.61
C ARG D 198 0.43 6.03 17.41
N ARG D 199 -0.24 4.88 17.52
CA ARG D 199 -1.01 4.37 16.39
C ARG D 199 -2.27 5.20 16.14
N VAL D 200 -3.03 5.52 17.20
CA VAL D 200 -4.26 6.28 17.02
C VAL D 200 -3.96 7.66 16.43
N LYS D 201 -2.87 8.30 16.87
CA LYS D 201 -2.50 9.60 16.30
C LYS D 201 -2.15 9.46 14.82
N GLU D 202 -1.44 8.39 14.47
CA GLU D 202 -1.03 8.20 13.08
C GLU D 202 -2.25 8.05 12.18
N VAL D 203 -3.27 7.32 12.65
CA VAL D 203 -4.51 7.12 11.88
C VAL D 203 -5.28 8.43 11.77
N VAL D 204 -5.40 9.17 12.87
CA VAL D 204 -6.14 10.44 12.83
C VAL D 204 -5.45 11.44 11.89
N LYS D 205 -4.11 11.50 11.95
CA LYS D 205 -3.37 12.42 11.08
C LYS D 205 -3.52 12.04 9.61
N LYS D 206 -3.56 10.74 9.33
CA LYS D 206 -3.62 10.29 7.94
C LYS D 206 -4.98 10.58 7.32
N HIS D 207 -6.06 10.40 8.09
CA HIS D 207 -7.39 10.28 7.51
C HIS D 207 -8.36 11.38 7.89
N SER D 208 -8.13 12.10 8.97
CA SER D 208 -9.15 12.97 9.50
C SER D 208 -8.55 14.31 9.86
N GLN D 209 -7.58 14.75 9.04
CA GLN D 209 -6.79 15.93 9.33
C GLN D 209 -7.52 17.23 9.02
N PHE D 210 -8.61 17.17 8.25
CA PHE D 210 -9.37 18.37 7.93
C PHE D 210 -10.82 18.24 8.37
N ILE D 211 -11.03 17.52 9.47
CA ILE D 211 -12.31 17.55 10.16
C ILE D 211 -12.45 18.89 10.89
N GLY D 212 -13.65 19.46 10.87
CA GLY D 212 -13.85 20.79 11.38
C GLY D 212 -14.17 20.85 12.86
N TYR D 213 -13.76 19.83 13.61
CA TYR D 213 -14.05 19.78 15.04
C TYR D 213 -12.81 19.29 15.76
N PRO D 214 -12.59 19.74 17.00
CA PRO D 214 -11.40 19.30 17.75
C PRO D 214 -11.51 17.84 18.14
N ILE D 215 -10.40 17.12 18.01
CA ILE D 215 -10.34 15.71 18.36
C ILE D 215 -9.30 15.55 19.46
N THR D 216 -9.73 15.09 20.62
CA THR D 216 -8.86 14.98 21.79
C THR D 216 -8.65 13.52 22.14
N LEU D 217 -7.40 13.15 22.40
CA LEU D 217 -7.07 11.80 22.83
C LEU D 217 -6.87 11.79 24.34
N TYR D 218 -7.55 10.88 25.02
CA TYR D 218 -7.42 10.68 26.45
C TYR D 218 -6.64 9.40 26.70
N LEU D 219 -5.45 9.52 27.28
CA LEU D 219 -4.73 8.34 27.75
C LEU D 219 -4.39 7.41 26.58
C01 KU3 E . 7.30 -15.36 -10.10
C02 KU3 E . 7.75 -14.71 -11.39
C03 KU3 E . 6.61 -14.71 -12.42
C04 KU3 E . 8.94 -15.40 -12.05
C05 KU3 E . 9.00 -16.79 -12.14
C06 KU3 E . 10.09 -17.38 -12.80
C07 KU3 E . 11.09 -16.62 -13.36
O08 KU3 E . 12.17 -17.25 -14.00
C09 KU3 E . 11.03 -15.23 -13.29
C10 KU3 E . 9.96 -14.63 -12.63
O11 KU3 E . 10.12 -13.32 -12.70
N12 KU3 E . 11.25 -13.03 -13.35
C13 KU3 E . 11.89 -14.14 -13.75
C14 KU3 E . 10.13 -18.89 -12.87
O15 KU3 E . 9.89 -19.54 -13.83
N16 KU3 E . 10.44 -19.55 -11.65
C17 KU3 E . 10.79 -18.90 -10.40
C18 KU3 E . 11.32 -20.04 -9.54
C19 KU3 E . 11.15 -21.24 -10.20
C20 KU3 E . 10.49 -21.00 -11.56
C21 KU3 E . 11.54 -22.45 -9.61
C22 KU3 E . 12.12 -22.42 -8.37
F23 KU3 E . 12.51 -23.58 -7.79
C24 KU3 E . 12.31 -21.22 -7.69
C25 KU3 E . 11.91 -20.01 -8.27
S DMS F . -12.06 -14.82 -4.84
O DMS F . -12.85 -14.78 -6.46
C1 DMS F . -10.53 -15.77 -4.95
C2 DMS F . -11.35 -13.21 -4.40
S DMS G . 5.44 -15.71 -6.15
O DMS G . 5.00 -14.03 -6.61
C1 DMS G . 4.83 -16.86 -7.40
C2 DMS G . 7.19 -16.04 -6.45
C01 KU3 H . -13.78 24.10 -8.42
C02 KU3 H . -14.19 23.14 -7.30
C03 KU3 H . -13.48 23.48 -5.99
C04 KU3 H . -15.71 23.23 -7.18
C05 KU3 H . -16.31 24.25 -6.48
C06 KU3 H . -17.72 24.30 -6.41
C07 KU3 H . -18.51 23.34 -7.05
O08 KU3 H . -19.89 23.43 -6.96
C09 KU3 H . -17.90 22.30 -7.77
C10 KU3 H . -16.49 22.26 -7.83
O11 KU3 H . -16.14 21.21 -8.57
N12 KU3 H . -17.22 20.56 -8.99
C13 KU3 H . -18.35 21.14 -8.57
C14 KU3 H . -18.35 25.43 -5.62
O15 KU3 H . -18.89 26.35 -6.14
N16 KU3 H . -18.22 25.39 -4.20
C17 KU3 H . -17.58 24.31 -3.44
C18 KU3 H . -18.05 24.54 -2.01
C19 KU3 H . -18.71 25.74 -1.92
C20 KU3 H . -18.74 26.41 -3.30
C21 KU3 H . -19.26 26.16 -0.70
C22 KU3 H . -19.09 25.35 0.41
F23 KU3 H . -19.60 25.75 1.60
C24 KU3 H . -18.43 24.14 0.34
C25 KU3 H . -17.90 23.72 -0.87
S DMS I . 4.27 31.05 -6.34
O DMS I . 5.30 32.42 -6.74
C1 DMS I . 4.55 30.19 -4.78
C2 DMS I . 2.76 31.97 -5.97
S DMS J . -10.96 23.39 -3.41
O DMS J . -12.26 22.21 -3.00
C1 DMS J . -10.48 24.26 -1.89
C2 DMS J . -9.41 22.52 -3.77
C01 KU3 K . 29.55 -16.45 6.66
C02 KU3 K . 28.95 -16.65 8.06
C03 KU3 K . 30.08 -16.82 9.09
C04 KU3 K . 28.13 -17.92 8.16
C05 KU3 K . 28.52 -19.05 7.47
C06 KU3 K . 27.77 -20.24 7.58
C07 KU3 K . 26.63 -20.29 8.39
O08 KU3 K . 25.93 -21.49 8.46
C09 KU3 K . 26.23 -19.14 9.10
C10 KU3 K . 26.97 -17.96 9.00
O11 KU3 K . 26.40 -17.03 9.76
N12 KU3 K . 25.32 -17.55 10.36
C13 KU3 K . 25.12 -18.83 10.03
C14 KU3 K . 28.21 -21.46 6.82
O15 KU3 K . 28.69 -22.43 7.31
N16 KU3 K . 28.10 -21.43 5.40
C17 KU3 K . 27.50 -20.34 4.62
C18 KU3 K . 27.22 -20.97 3.27
C19 KU3 K . 27.81 -22.20 3.21
C20 KU3 K . 28.52 -22.53 4.54
C21 KU3 K . 27.71 -22.98 2.05
C22 KU3 K . 27.01 -22.48 0.96
F23 KU3 K . 26.93 -23.24 -0.15
C24 KU3 K . 26.41 -21.22 1.01
C25 KU3 K . 26.52 -20.45 2.17
S DMS L . 30.83 -14.05 2.95
O DMS L . 29.32 -13.64 3.83
C1 DMS L . 32.15 -12.90 3.45
C2 DMS L . 31.50 -15.61 3.58
C01 KU3 M . -23.65 4.62 15.30
C02 KU3 M . -23.24 5.52 14.12
C03 KU3 M . -24.32 5.49 13.05
C04 KU3 M . -23.05 6.92 14.70
C05 KU3 M . -24.13 7.78 14.83
C06 KU3 M . -23.92 9.05 15.40
C07 KU3 M . -22.67 9.45 15.84
O08 KU3 M . -22.52 10.72 16.40
C09 KU3 M . -21.58 8.58 15.72
C10 KU3 M . -21.78 7.32 15.17
O11 KU3 M . -20.61 6.68 15.17
N12 KU3 M . -19.66 7.46 15.70
C13 KU3 M . -20.16 8.65 16.08
C14 KU3 M . -25.12 9.96 15.53
O15 KU3 M . -25.62 10.19 16.58
N16 KU3 M . -25.70 10.52 14.33
C17 KU3 M . -25.17 10.34 12.99
C18 KU3 M . -25.84 11.44 12.15
C19 KU3 M . -26.82 12.04 12.90
C20 KU3 M . -26.86 11.40 14.30
C21 KU3 M . -27.58 13.09 12.35
C22 KU3 M . -27.33 13.50 11.05
F23 KU3 M . -28.08 14.50 10.52
C24 KU3 M . -26.35 12.89 10.28
C25 KU3 M . -25.60 11.86 10.82
S DMS N . -26.63 3.98 10.09
O DMS N . -28.11 4.03 9.07
C1 DMS N . -26.08 2.28 10.41
C2 DMS N . -25.28 4.47 9.02
#